data_3U16
#
_entry.id   3U16
#
_cell.length_a   66.093
_cell.length_b   144.780
_cell.length_c   148.675
_cell.angle_alpha   90.00
_cell.angle_beta   90.00
_cell.angle_gamma   90.00
#
_symmetry.space_group_name_H-M   'P 21 21 21'
#
loop_
_entity.id
_entity.type
_entity.pdbx_description
1 polymer 'Peptide arylation enzyme'
2 non-polymer '6-[4-(benzyloxy)phenyl]-1-(pyridin-4-ylmethyl)-1H-pyrazolo[3,4-b]pyridine-4-carboxylic acid'
3 non-polymer 'CALCIUM ION'
4 non-polymer (4S)-2-METHYL-2,4-PENTANEDIOL
5 non-polymer (4R)-2-METHYLPENTANE-2,4-DIOL
6 water water
#
_entity_poly.entity_id   1
_entity_poly.type   'polypeptide(L)'
_entity_poly.pdbx_seq_one_letter_code
;GHMKKQLIEFVRWSPERAQHYRNKGYWIDQPLTRILTVGVQSHPHSLAIICGERQLSYIELDRLSTNLATRLAEKGLGKG
DTALVQLPNVAEFYIVFFALLKAGVVVLNALYSHRQYELNAFIKQIQPKLLIGSRQHEVFSNNQFIDSLHDVNLSPEIIL
MLNHQATDFGLLDWIETPAETFVDFSSTPADEVAFFQLSGGSTGTPKLIPRTHNDYDYSVRASAEICGLNSNTRLLCALP
APHNFMLSSPGALGVLHAGGCVVMAPNPEPLNCFSIIQRHQVNMASLVPSAVIMWLEKAAQYKDQIQSLKLLQVGGASFP
ESLARQVPEVLNCKLQQVFGMAEGLVNYTRLDDSDEQIFTTQGRPISSDDEIKIVDEQYREVPEGEIGMLATRGPYTFCG
YYQSPEHNSQVFDEDNYYYSGDLVQRTPDGNLRVVGRIKDQINRGGEKIASEEIEKLILLHPEVMHAALVAIVDEQFGEK
SCAFIVSRNPELKAVVLRRHLMELGIAQYKLPDQIKLIESLPLTAVGKVDKKQLRSILNTSTTS
;
_entity_poly.pdbx_strand_id   A,B
#
loop_
_chem_comp.id
_chem_comp.type
_chem_comp.name
_chem_comp.formula
CA non-polymer 'CALCIUM ION' 'Ca 2'
H89 non-polymer '6-[4-(benzyloxy)phenyl]-1-(pyridin-4-ylmethyl)-1H-pyrazolo[3,4-b]pyridine-4-carboxylic acid' 'C26 H20 N4 O3'
MPD non-polymer (4S)-2-METHYL-2,4-PENTANEDIOL 'C6 H14 O2'
MRD non-polymer (4R)-2-METHYLPENTANE-2,4-DIOL 'C6 H14 O2'
#
# COMPACT_ATOMS: atom_id res chain seq x y z
N LYS A 5 -27.04 18.63 20.82
CA LYS A 5 -27.98 17.55 21.07
C LYS A 5 -28.49 16.93 19.76
N GLN A 6 -28.00 17.42 18.63
CA GLN A 6 -28.36 16.81 17.36
C GLN A 6 -27.47 15.59 17.08
N LEU A 7 -28.09 14.49 16.68
CA LEU A 7 -27.33 13.28 16.34
C LEU A 7 -26.56 13.50 15.05
N ILE A 8 -25.45 12.77 14.91
CA ILE A 8 -24.65 12.81 13.69
C ILE A 8 -25.53 12.54 12.48
N GLU A 9 -25.31 13.32 11.42
CA GLU A 9 -26.09 13.22 10.19
C GLU A 9 -25.53 12.13 9.29
N PHE A 10 -26.41 11.52 8.49
CA PHE A 10 -26.01 10.45 7.59
C PHE A 10 -27.18 10.26 6.62
N VAL A 11 -26.95 9.54 5.53
CA VAL A 11 -28.01 9.30 4.56
C VAL A 11 -28.82 8.06 4.95
N ARG A 12 -30.13 8.19 5.07
CA ARG A 12 -30.97 7.08 5.52
C ARG A 12 -31.39 6.20 4.37
N TRP A 13 -31.73 4.95 4.70
CA TRP A 13 -32.46 4.09 3.79
C TRP A 13 -33.89 4.65 3.61
N SER A 14 -34.50 4.39 2.46
CA SER A 14 -35.90 4.74 2.27
C SER A 14 -36.71 4.01 3.35
N PRO A 15 -37.83 4.61 3.79
CA PRO A 15 -38.69 4.00 4.82
C PRO A 15 -39.19 2.62 4.39
N GLU A 16 -39.44 2.46 3.10
CA GLU A 16 -39.88 1.17 2.56
C GLU A 16 -38.83 0.08 2.76
N ARG A 17 -37.56 0.43 2.52
CA ARG A 17 -36.49 -0.55 2.72
C ARG A 17 -36.28 -0.86 4.22
N ALA A 18 -36.27 0.19 5.04
CA ALA A 18 -36.14 0.00 6.49
C ALA A 18 -37.23 -0.94 7.04
N GLN A 19 -38.48 -0.72 6.65
CA GLN A 19 -39.55 -1.60 7.10
C GLN A 19 -39.30 -3.04 6.66
N HIS A 20 -38.91 -3.21 5.40
CA HIS A 20 -38.66 -4.55 4.87
C HIS A 20 -37.55 -5.25 5.66
N TYR A 21 -36.50 -4.51 5.98
CA TYR A 21 -35.39 -5.12 6.69
C TYR A 21 -35.76 -5.48 8.13
N ARG A 22 -36.71 -4.75 8.72
CA ARG A 22 -37.25 -5.14 10.02
C ARG A 22 -38.15 -6.36 9.89
N ASN A 23 -39.04 -6.33 8.89
CA ASN A 23 -39.96 -7.45 8.65
C ASN A 23 -39.20 -8.77 8.45
N LYS A 24 -38.06 -8.70 7.77
CA LYS A 24 -37.24 -9.90 7.52
C LYS A 24 -36.43 -10.33 8.75
N GLY A 25 -36.36 -9.48 9.78
CA GLY A 25 -35.60 -9.83 10.96
C GLY A 25 -34.13 -9.41 10.93
N TYR A 26 -33.72 -8.74 9.85
CA TYR A 26 -32.34 -8.24 9.74
C TYR A 26 -32.07 -7.15 10.78
N TRP A 27 -32.91 -6.12 10.79
CA TRP A 27 -32.78 -5.04 11.76
C TRP A 27 -33.64 -5.38 12.97
N ILE A 28 -33.03 -5.53 14.14
CA ILE A 28 -33.76 -5.84 15.36
C ILE A 28 -33.76 -4.68 16.36
N ASP A 29 -33.22 -3.55 15.91
CA ASP A 29 -33.28 -2.30 16.67
C ASP A 29 -32.67 -2.40 18.05
N GLN A 30 -31.51 -3.06 18.13
CA GLN A 30 -30.71 -3.12 19.35
C GLN A 30 -29.36 -2.43 19.14
N PRO A 31 -28.82 -1.85 20.22
CA PRO A 31 -27.47 -1.28 20.06
C PRO A 31 -26.40 -2.38 19.90
N LEU A 32 -25.24 -2.04 19.34
CA LEU A 32 -24.15 -3.00 19.17
C LEU A 32 -23.68 -3.60 20.50
N THR A 33 -23.95 -2.90 21.60
CA THR A 33 -23.58 -3.39 22.92
C THR A 33 -24.37 -4.67 23.27
N ARG A 34 -25.47 -4.91 22.55
CA ARG A 34 -26.23 -6.17 22.67
C ARG A 34 -25.30 -7.37 22.79
N ILE A 35 -24.25 -7.36 21.98
CA ILE A 35 -23.32 -8.49 21.89
C ILE A 35 -22.69 -8.82 23.25
N LEU A 36 -22.31 -7.76 23.95
CA LEU A 36 -21.68 -7.87 25.25
C LEU A 36 -22.73 -8.16 26.32
N THR A 37 -23.82 -7.41 26.30
CA THR A 37 -24.89 -7.57 27.27
C THR A 37 -25.37 -9.01 27.30
N VAL A 38 -25.62 -9.57 26.12
CA VAL A 38 -26.15 -10.93 26.04
C VAL A 38 -25.09 -11.92 26.51
N GLY A 39 -23.84 -11.71 26.12
CA GLY A 39 -22.76 -12.58 26.54
C GLY A 39 -22.61 -12.64 28.06
N VAL A 40 -22.62 -11.47 28.68
CA VAL A 40 -22.58 -11.38 30.14
C VAL A 40 -23.74 -12.15 30.78
N GLN A 41 -24.94 -12.01 30.23
CA GLN A 41 -26.09 -12.78 30.74
C GLN A 41 -25.89 -14.29 30.62
N SER A 42 -25.36 -14.77 29.49
CA SER A 42 -25.30 -16.22 29.23
C SER A 42 -24.05 -16.91 29.77
N HIS A 43 -22.91 -16.24 29.71
CA HIS A 43 -21.64 -16.89 30.04
C HIS A 43 -20.63 -15.85 30.48
N PRO A 44 -20.91 -15.17 31.61
CA PRO A 44 -20.10 -14.03 32.05
C PRO A 44 -18.62 -14.37 32.19
N HIS A 45 -18.33 -15.62 32.51
CA HIS A 45 -16.95 -15.99 32.81
C HIS A 45 -16.19 -16.68 31.66
N SER A 46 -16.84 -16.88 30.53
CA SER A 46 -16.12 -17.35 29.34
C SER A 46 -15.12 -16.29 28.92
N LEU A 47 -13.99 -16.71 28.34
CA LEU A 47 -13.02 -15.77 27.81
C LEU A 47 -13.55 -15.04 26.57
N ALA A 48 -13.37 -13.73 26.55
CA ALA A 48 -13.82 -12.92 25.45
C ALA A 48 -12.60 -12.44 24.69
N ILE A 49 -11.56 -12.07 25.42
CA ILE A 49 -10.34 -11.63 24.77
C ILE A 49 -9.09 -12.20 25.44
N ILE A 50 -8.21 -12.75 24.61
CA ILE A 50 -6.87 -13.14 25.03
C ILE A 50 -5.89 -12.21 24.36
N CYS A 51 -5.06 -11.55 25.17
CA CYS A 51 -4.07 -10.60 24.66
C CYS A 51 -2.75 -10.77 25.41
N GLY A 52 -1.72 -11.26 24.75
CA GLY A 52 -0.46 -11.56 25.40
C GLY A 52 -0.73 -12.45 26.59
N GLU A 53 -0.38 -12.00 27.80
CA GLU A 53 -0.61 -12.76 29.03
C GLU A 53 -2.00 -12.55 29.64
N ARG A 54 -2.77 -11.60 29.10
N ARG A 54 -2.76 -11.57 29.13
CA ARG A 54 -4.04 -11.22 29.72
CA ARG A 54 -4.06 -11.25 29.69
C ARG A 54 -5.22 -12.06 29.21
C ARG A 54 -5.13 -12.24 29.29
N GLN A 55 -6.19 -12.29 30.09
CA GLN A 55 -7.38 -13.04 29.76
C GLN A 55 -8.57 -12.24 30.26
N LEU A 56 -9.34 -11.64 29.36
CA LEU A 56 -10.54 -10.89 29.78
C LEU A 56 -11.80 -11.70 29.52
N SER A 57 -12.58 -11.93 30.58
CA SER A 57 -13.86 -12.61 30.45
C SER A 57 -14.88 -11.65 29.85
N TYR A 58 -16.08 -12.16 29.54
CA TYR A 58 -17.13 -11.28 29.03
C TYR A 58 -17.51 -10.23 30.08
N ILE A 59 -17.69 -10.67 31.33
CA ILE A 59 -18.08 -9.72 32.37
C ILE A 59 -17.01 -8.68 32.68
N GLU A 60 -15.74 -9.07 32.58
CA GLU A 60 -14.66 -8.10 32.72
C GLU A 60 -14.69 -7.06 31.61
N LEU A 61 -14.80 -7.54 30.37
CA LEU A 61 -14.95 -6.64 29.22
C LEU A 61 -16.12 -5.69 29.47
N ASP A 62 -17.20 -6.22 30.00
CA ASP A 62 -18.39 -5.41 30.25
C ASP A 62 -18.12 -4.36 31.34
N ARG A 63 -17.56 -4.79 32.47
CA ARG A 63 -17.19 -3.88 33.57
C ARG A 63 -16.24 -2.77 33.15
N LEU A 64 -15.18 -3.15 32.45
CA LEU A 64 -14.16 -2.19 32.08
C LEU A 64 -14.68 -1.14 31.10
N SER A 65 -15.47 -1.57 30.13
CA SER A 65 -16.00 -0.61 29.17
C SER A 65 -17.06 0.25 29.85
N THR A 66 -17.78 -0.32 30.80
CA THR A 66 -18.71 0.51 31.59
C THR A 66 -17.96 1.60 32.37
N ASN A 67 -16.85 1.22 33.03
CA ASN A 67 -16.06 2.16 33.80
C ASN A 67 -15.69 3.36 32.95
N LEU A 68 -15.13 3.07 31.78
CA LEU A 68 -14.66 4.12 30.89
C LEU A 68 -15.83 4.98 30.40
N ALA A 69 -16.96 4.33 30.13
CA ALA A 69 -18.15 5.05 29.70
C ALA A 69 -18.60 6.04 30.79
N THR A 70 -18.67 5.59 32.04
CA THR A 70 -19.07 6.49 33.12
C THR A 70 -18.11 7.68 33.22
N ARG A 71 -16.81 7.44 33.04
CA ARG A 71 -15.83 8.53 33.10
C ARG A 71 -16.06 9.55 32.00
N LEU A 72 -16.37 9.07 30.80
CA LEU A 72 -16.56 9.97 29.68
C LEU A 72 -17.84 10.78 29.86
N ALA A 73 -18.89 10.11 30.32
CA ALA A 73 -20.18 10.75 30.55
C ALA A 73 -20.03 11.83 31.63
N GLU A 74 -19.28 11.51 32.68
CA GLU A 74 -19.05 12.43 33.78
C GLU A 74 -18.44 13.71 33.27
N LYS A 75 -17.66 13.59 32.19
CA LYS A 75 -17.04 14.77 31.59
C LYS A 75 -17.90 15.42 30.52
N GLY A 76 -19.16 14.97 30.39
CA GLY A 76 -20.08 15.57 29.45
C GLY A 76 -19.93 15.17 27.98
N LEU A 77 -19.18 14.10 27.72
CA LEU A 77 -19.13 13.57 26.36
C LEU A 77 -20.28 12.60 26.17
N GLY A 78 -21.04 12.76 25.10
CA GLY A 78 -22.18 11.89 24.89
C GLY A 78 -22.83 12.06 23.53
N LYS A 79 -24.14 11.92 23.51
CA LYS A 79 -24.89 11.94 22.26
C LYS A 79 -24.68 13.24 21.50
N GLY A 80 -24.37 13.11 20.22
CA GLY A 80 -24.03 14.24 19.39
C GLY A 80 -22.54 14.45 19.29
N ASP A 81 -21.78 13.91 20.24
CA ASP A 81 -20.33 14.07 20.21
C ASP A 81 -19.66 12.94 19.40
N THR A 82 -18.44 13.20 18.95
CA THR A 82 -17.66 12.20 18.24
C THR A 82 -16.28 12.04 18.88
N ALA A 83 -15.58 10.98 18.48
CA ALA A 83 -14.27 10.66 19.04
C ALA A 83 -13.37 10.07 17.97
N LEU A 84 -12.07 10.32 18.08
CA LEU A 84 -11.08 9.71 17.22
C LEU A 84 -10.23 8.78 18.07
N VAL A 85 -10.17 7.51 17.70
CA VAL A 85 -9.37 6.52 18.43
C VAL A 85 -8.32 5.90 17.53
N GLN A 86 -7.09 5.84 18.02
CA GLN A 86 -6.02 5.14 17.30
C GLN A 86 -5.22 4.26 18.23
N LEU A 87 -5.51 2.96 18.19
CA LEU A 87 -4.85 2.00 19.07
C LEU A 87 -4.38 0.79 18.28
N PRO A 88 -3.31 0.13 18.76
CA PRO A 88 -2.79 -1.05 18.08
C PRO A 88 -3.64 -2.26 18.44
N ASN A 89 -3.22 -3.45 18.04
CA ASN A 89 -4.00 -4.67 18.29
C ASN A 89 -3.91 -5.18 19.72
N VAL A 90 -4.59 -4.48 20.63
CA VAL A 90 -4.59 -4.87 22.04
C VAL A 90 -6.00 -4.85 22.60
N ALA A 91 -6.18 -5.50 23.75
CA ALA A 91 -7.50 -5.61 24.36
C ALA A 91 -8.16 -4.23 24.56
N GLU A 92 -7.36 -3.21 24.85
CA GLU A 92 -7.93 -1.87 25.07
C GLU A 92 -8.71 -1.35 23.85
N PHE A 93 -8.37 -1.80 22.65
CA PHE A 93 -9.17 -1.39 21.49
C PHE A 93 -10.66 -1.70 21.68
N TYR A 94 -10.95 -2.91 22.14
CA TYR A 94 -12.34 -3.35 22.28
C TYR A 94 -12.98 -2.73 23.51
N ILE A 95 -12.19 -2.56 24.57
CA ILE A 95 -12.73 -1.92 25.76
C ILE A 95 -13.21 -0.52 25.40
N VAL A 96 -12.39 0.21 24.65
CA VAL A 96 -12.72 1.57 24.26
C VAL A 96 -13.90 1.61 23.28
N PHE A 97 -13.90 0.72 22.29
CA PHE A 97 -14.99 0.65 21.32
C PHE A 97 -16.33 0.46 22.02
N PHE A 98 -16.39 -0.53 22.91
CA PHE A 98 -17.62 -0.77 23.67
C PHE A 98 -17.98 0.37 24.63
N ALA A 99 -16.97 1.02 25.21
CA ALA A 99 -17.23 2.19 26.06
C ALA A 99 -17.91 3.31 25.26
N LEU A 100 -17.42 3.59 24.05
CA LEU A 100 -17.98 4.66 23.25
C LEU A 100 -19.39 4.30 22.73
N LEU A 101 -19.58 3.03 22.36
CA LEU A 101 -20.92 2.55 22.00
C LEU A 101 -21.89 2.74 23.19
N LYS A 102 -21.43 2.38 24.38
CA LYS A 102 -22.24 2.51 25.58
C LYS A 102 -22.60 3.96 25.87
N ALA A 103 -21.64 4.86 25.62
CA ALA A 103 -21.77 6.27 26.00
C ALA A 103 -22.52 7.11 24.97
N GLY A 104 -22.74 6.56 23.78
CA GLY A 104 -23.43 7.30 22.73
C GLY A 104 -22.52 8.22 21.95
N VAL A 105 -21.21 7.99 22.08
CA VAL A 105 -20.24 8.79 21.32
C VAL A 105 -19.92 8.09 19.99
N VAL A 106 -20.11 8.81 18.88
CA VAL A 106 -19.84 8.25 17.57
C VAL A 106 -18.34 8.23 17.31
N VAL A 107 -17.77 7.04 17.13
CA VAL A 107 -16.32 6.90 17.08
C VAL A 107 -15.78 6.56 15.68
N LEU A 108 -14.66 7.20 15.34
CA LEU A 108 -13.90 6.86 14.16
C LEU A 108 -12.63 6.17 14.65
N ASN A 109 -12.45 4.90 14.27
CA ASN A 109 -11.24 4.16 14.62
C ASN A 109 -10.24 4.31 13.49
N ALA A 110 -9.22 5.13 13.70
CA ALA A 110 -8.14 5.23 12.72
C ALA A 110 -7.30 3.96 12.76
N LEU A 111 -6.70 3.60 11.62
CA LEU A 111 -5.70 2.55 11.62
C LEU A 111 -4.48 3.03 12.39
N TYR A 112 -3.84 2.11 13.10
CA TYR A 112 -2.58 2.41 13.79
C TYR A 112 -1.49 2.84 12.82
N SER A 113 -1.61 2.42 11.56
CA SER A 113 -0.66 2.79 10.53
C SER A 113 -0.92 4.19 9.96
N HIS A 114 -2.01 4.82 10.37
CA HIS A 114 -2.30 6.17 9.89
C HIS A 114 -1.37 7.19 10.54
N ARG A 115 -1.12 8.30 9.87
CA ARG A 115 -0.19 9.29 10.41
C ARG A 115 -0.86 10.66 10.60
N GLN A 116 -0.06 11.66 10.95
CA GLN A 116 -0.62 13.00 11.22
C GLN A 116 -1.47 13.50 10.06
N TYR A 117 -1.07 13.19 8.83
CA TYR A 117 -1.85 13.68 7.71
C TYR A 117 -3.30 13.17 7.67
N GLU A 118 -3.48 11.86 7.87
CA GLU A 118 -4.80 11.25 7.92
C GLU A 118 -5.55 11.73 9.18
N LEU A 119 -4.86 11.69 10.30
CA LEU A 119 -5.45 12.07 11.56
C LEU A 119 -6.01 13.50 11.49
N ASN A 120 -5.25 14.42 10.89
CA ASN A 120 -5.69 15.79 10.75
C ASN A 120 -6.96 15.92 9.94
N ALA A 121 -7.01 15.17 8.84
CA ALA A 121 -8.20 15.16 7.99
C ALA A 121 -9.43 14.63 8.74
N PHE A 122 -9.22 13.59 9.56
CA PHE A 122 -10.32 13.02 10.35
C PHE A 122 -10.81 14.04 11.38
N ILE A 123 -9.87 14.67 12.10
CA ILE A 123 -10.23 15.63 13.13
C ILE A 123 -11.01 16.81 12.53
N LYS A 124 -10.59 17.26 11.36
CA LYS A 124 -11.26 18.34 10.64
C LYS A 124 -12.69 17.95 10.26
N GLN A 125 -12.91 16.67 9.98
CA GLN A 125 -14.23 16.24 9.50
C GLN A 125 -15.24 15.94 10.60
N ILE A 126 -14.78 15.50 11.76
CA ILE A 126 -15.70 15.06 12.81
C ILE A 126 -15.61 15.85 14.11
N GLN A 127 -14.65 16.78 14.20
CA GLN A 127 -14.49 17.65 15.37
C GLN A 127 -14.56 16.88 16.68
N PRO A 128 -13.66 15.92 16.86
CA PRO A 128 -13.83 15.06 18.04
C PRO A 128 -13.64 15.88 19.32
N LYS A 129 -14.43 15.59 20.36
CA LYS A 129 -14.17 16.15 21.68
C LYS A 129 -13.31 15.18 22.48
N LEU A 130 -13.12 13.98 21.93
CA LEU A 130 -12.29 12.97 22.57
C LEU A 130 -11.28 12.39 21.59
N LEU A 131 -10.02 12.34 22.02
CA LEU A 131 -8.96 11.71 21.27
C LEU A 131 -8.28 10.68 22.16
N ILE A 132 -8.19 9.46 21.68
CA ILE A 132 -7.46 8.41 22.36
C ILE A 132 -6.37 7.87 21.44
N GLY A 133 -5.14 7.87 21.92
CA GLY A 133 -4.02 7.42 21.14
C GLY A 133 -3.00 6.75 22.04
N SER A 134 -1.83 6.47 21.49
CA SER A 134 -0.76 5.85 22.25
C SER A 134 0.51 6.69 22.15
N ARG A 135 1.15 6.91 23.29
CA ARG A 135 2.42 7.62 23.30
C ARG A 135 3.48 6.96 22.41
N GLN A 136 3.38 5.64 22.24
CA GLN A 136 4.35 4.87 21.44
C GLN A 136 4.17 5.06 19.93
N HIS A 137 3.06 5.64 19.52
CA HIS A 137 2.86 5.92 18.10
C HIS A 137 3.70 7.13 17.73
N GLU A 138 4.21 7.15 16.52
CA GLU A 138 5.04 8.24 16.03
C GLU A 138 4.39 9.62 16.20
N VAL A 139 3.08 9.70 15.95
CA VAL A 139 2.39 10.98 15.96
C VAL A 139 2.28 11.58 17.36
N PHE A 140 2.32 10.72 18.39
CA PHE A 140 2.23 11.19 19.77
C PHE A 140 3.53 10.95 20.54
N SER A 141 4.63 10.77 19.80
CA SER A 141 5.97 10.69 20.37
C SER A 141 6.27 11.97 21.13
N ASN A 142 6.06 13.09 20.45
CA ASN A 142 6.18 14.41 21.04
C ASN A 142 4.81 15.09 21.02
N ASN A 143 4.76 16.35 21.46
CA ASN A 143 3.51 17.08 21.49
C ASN A 143 3.30 17.98 20.28
N GLN A 144 4.14 17.82 19.27
CA GLN A 144 4.02 18.64 18.09
C GLN A 144 2.58 18.62 17.55
N PHE A 145 2.12 17.42 17.19
CA PHE A 145 0.78 17.24 16.58
C PHE A 145 -0.36 17.77 17.45
N ILE A 146 -0.38 17.34 18.71
CA ILE A 146 -1.41 17.78 19.64
C ILE A 146 -1.49 19.29 19.76
N ASP A 147 -0.34 19.95 19.86
CA ASP A 147 -0.29 21.42 19.96
C ASP A 147 -0.80 22.08 18.68
N SER A 148 -0.49 21.47 17.55
CA SER A 148 -0.91 21.99 16.25
C SER A 148 -2.41 22.17 16.20
N LEU A 149 -3.14 21.37 16.97
CA LEU A 149 -4.59 21.39 16.92
C LEU A 149 -5.14 22.67 17.55
N HIS A 150 -4.44 23.16 18.57
CA HIS A 150 -4.83 24.40 19.21
C HIS A 150 -4.63 25.57 18.26
N ASP A 151 -3.55 25.49 17.48
CA ASP A 151 -3.26 26.51 16.47
C ASP A 151 -4.40 26.63 15.46
N VAL A 152 -5.35 25.70 15.50
CA VAL A 152 -6.41 25.65 14.50
C VAL A 152 -7.80 25.43 15.12
N ASN A 153 -7.90 25.59 16.43
CA ASN A 153 -9.17 25.46 17.13
C ASN A 153 -9.84 24.11 16.91
N LEU A 154 -9.04 23.05 16.91
CA LEU A 154 -9.58 21.71 16.77
C LEU A 154 -9.16 20.81 17.93
N SER A 155 -8.65 21.40 18.99
CA SER A 155 -8.23 20.64 20.16
C SER A 155 -9.40 19.89 20.78
N PRO A 156 -9.22 18.60 21.05
CA PRO A 156 -10.24 17.81 21.74
C PRO A 156 -10.31 18.24 23.20
N GLU A 157 -11.49 18.19 23.79
CA GLU A 157 -11.65 18.53 25.20
C GLU A 157 -10.92 17.52 26.06
N ILE A 158 -10.97 16.26 25.67
CA ILE A 158 -10.27 15.20 26.40
C ILE A 158 -9.31 14.42 25.51
N ILE A 159 -8.13 14.13 26.06
CA ILE A 159 -7.13 13.32 25.38
C ILE A 159 -6.66 12.24 26.34
N LEU A 160 -6.80 10.99 25.93
CA LEU A 160 -6.28 9.90 26.75
C LEU A 160 -5.15 9.19 26.01
N MET A 161 -4.13 8.76 26.76
CA MET A 161 -3.02 8.07 26.13
C MET A 161 -2.73 6.69 26.73
N LEU A 162 -2.60 5.72 25.84
CA LEU A 162 -2.02 4.43 26.19
C LEU A 162 -0.53 4.71 26.38
N ASN A 163 0.12 3.98 27.27
CA ASN A 163 1.54 4.20 27.53
C ASN A 163 1.76 5.68 27.85
N HIS A 164 0.93 6.21 28.75
CA HIS A 164 0.88 7.63 29.03
C HIS A 164 2.12 8.12 29.77
N GLN A 165 2.41 9.42 29.60
CA GLN A 165 3.41 10.10 30.41
C GLN A 165 2.76 10.55 31.71
N ALA A 166 3.57 10.85 32.72
CA ALA A 166 3.06 11.21 34.05
C ALA A 166 2.01 12.32 34.03
N THR A 167 2.16 13.28 33.12
CA THR A 167 1.25 14.40 33.01
C THR A 167 0.15 14.19 31.97
N ASP A 168 -0.03 12.94 31.56
CA ASP A 168 -1.08 12.57 30.62
C ASP A 168 -2.27 12.07 31.40
N PHE A 169 -3.45 12.13 30.79
CA PHE A 169 -4.52 11.29 31.27
C PHE A 169 -4.19 9.88 30.80
N GLY A 170 -4.11 8.93 31.73
CA GLY A 170 -3.82 7.56 31.38
C GLY A 170 -5.08 6.79 30.96
N LEU A 171 -5.06 6.22 29.76
CA LEU A 171 -6.17 5.41 29.28
C LEU A 171 -6.52 4.32 30.28
N LEU A 172 -5.51 3.61 30.78
CA LEU A 172 -5.72 2.53 31.74
C LEU A 172 -6.28 3.02 33.07
N ASP A 173 -6.02 4.27 33.42
CA ASP A 173 -6.56 4.82 34.66
C ASP A 173 -8.07 5.06 34.52
N TRP A 174 -8.47 5.61 33.39
CA TRP A 174 -9.89 5.85 33.10
C TRP A 174 -10.65 4.54 32.86
N ILE A 175 -9.93 3.46 32.64
CA ILE A 175 -10.56 2.17 32.43
C ILE A 175 -10.71 1.44 33.77
N GLU A 176 -9.69 1.54 34.60
CA GLU A 176 -9.61 0.79 35.85
C GLU A 176 -10.46 1.36 36.99
N THR A 177 -10.65 2.67 37.00
CA THR A 177 -11.43 3.30 38.07
C THR A 177 -12.62 4.14 37.58
N PRO A 178 -13.84 3.67 37.89
CA PRO A 178 -15.12 4.35 37.62
C PRO A 178 -15.14 5.79 38.15
N ALA A 179 -16.11 6.56 37.71
CA ALA A 179 -16.14 8.00 37.97
C ALA A 179 -16.53 8.35 39.42
N GLU A 180 -16.27 9.58 39.81
CA GLU A 180 -16.66 10.05 41.14
C GLU A 180 -18.18 10.19 41.20
N THR A 181 -18.75 10.92 40.24
CA THR A 181 -20.18 11.16 40.20
C THR A 181 -20.86 10.31 39.14
N PHE A 182 -22.18 10.27 39.15
CA PHE A 182 -22.93 9.47 38.19
C PHE A 182 -23.77 10.33 37.25
N VAL A 183 -23.36 10.40 35.99
CA VAL A 183 -24.12 11.07 34.93
C VAL A 183 -24.74 10.00 34.01
N ASP A 184 -26.00 10.19 33.63
CA ASP A 184 -26.70 9.22 32.80
C ASP A 184 -26.17 9.19 31.36
N PHE A 185 -26.16 8.01 30.76
CA PHE A 185 -25.73 7.87 29.37
C PHE A 185 -26.37 6.67 28.72
N SER A 186 -26.37 6.63 27.38
CA SER A 186 -26.90 5.50 26.66
C SER A 186 -26.48 5.56 25.19
N SER A 187 -26.56 4.41 24.51
CA SER A 187 -26.19 4.34 23.10
C SER A 187 -27.04 5.29 22.26
N THR A 188 -26.52 5.69 21.11
CA THR A 188 -27.34 6.34 20.10
C THR A 188 -28.43 5.37 19.61
N PRO A 189 -29.56 5.91 19.09
CA PRO A 189 -30.65 4.99 18.74
C PRO A 189 -30.21 3.97 17.66
N ALA A 190 -30.86 2.81 17.63
CA ALA A 190 -30.36 1.70 16.80
C ALA A 190 -30.36 1.99 15.30
N ASP A 191 -31.29 2.81 14.82
CA ASP A 191 -31.29 3.19 13.40
C ASP A 191 -30.59 4.52 13.16
N GLU A 192 -29.70 4.88 14.07
CA GLU A 192 -28.89 6.07 13.92
C GLU A 192 -27.41 5.65 13.93
N VAL A 193 -26.51 6.60 13.70
CA VAL A 193 -25.10 6.28 13.55
C VAL A 193 -24.50 5.77 14.86
N ALA A 194 -23.83 4.62 14.79
CA ALA A 194 -23.03 4.11 15.92
C ALA A 194 -21.54 4.51 15.81
N PHE A 195 -20.97 4.36 14.62
CA PHE A 195 -19.55 4.68 14.42
C PHE A 195 -19.23 4.90 12.96
N PHE A 196 -18.03 5.39 12.65
CA PHE A 196 -17.63 5.56 11.25
C PHE A 196 -16.66 4.46 10.81
N GLN A 197 -16.98 3.79 9.70
CA GLN A 197 -16.01 2.93 9.04
C GLN A 197 -15.23 3.82 8.05
N LEU A 198 -14.16 3.29 7.46
CA LEU A 198 -13.36 4.03 6.48
C LEU A 198 -13.28 3.26 5.18
N SER A 199 -13.37 3.94 4.04
CA SER A 199 -13.17 3.27 2.76
C SER A 199 -11.70 2.84 2.66
N GLY A 200 -11.42 1.86 1.81
CA GLY A 200 -10.07 1.39 1.58
C GLY A 200 -9.62 1.63 0.15
N THR A 203 -7.41 5.79 -1.81
CA THR A 203 -6.70 6.84 -2.52
C THR A 203 -7.30 8.20 -2.16
N GLY A 204 -6.44 9.14 -1.76
CA GLY A 204 -6.87 10.31 -1.00
C GLY A 204 -6.99 9.81 0.42
N THR A 205 -7.29 10.67 1.39
CA THR A 205 -7.54 10.14 2.73
C THR A 205 -8.78 9.25 2.64
N PRO A 206 -8.89 8.27 3.54
CA PRO A 206 -10.07 7.40 3.53
C PRO A 206 -11.35 8.20 3.79
N LYS A 207 -12.44 7.86 3.11
CA LYS A 207 -13.73 8.52 3.32
C LYS A 207 -14.52 7.89 4.48
N LEU A 208 -15.29 8.70 5.20
CA LEU A 208 -16.00 8.20 6.36
C LEU A 208 -17.33 7.57 6.00
N ILE A 209 -17.54 6.35 6.48
CA ILE A 209 -18.76 5.59 6.21
C ILE A 209 -19.57 5.44 7.49
N PRO A 210 -20.67 6.21 7.64
CA PRO A 210 -21.49 6.07 8.86
C PRO A 210 -22.11 4.69 8.88
N ARG A 211 -22.07 4.03 10.03
CA ARG A 211 -22.68 2.71 10.18
C ARG A 211 -23.63 2.76 11.37
N THR A 212 -24.86 2.30 11.18
CA THR A 212 -25.83 2.29 12.28
C THR A 212 -25.74 0.98 13.03
N HIS A 213 -26.22 0.97 14.29
CA HIS A 213 -26.26 -0.26 15.08
C HIS A 213 -27.01 -1.33 14.31
N ASN A 214 -28.16 -0.97 13.76
CA ASN A 214 -29.00 -1.96 13.08
C ASN A 214 -28.22 -2.66 11.98
N ASP A 215 -27.63 -1.88 11.10
CA ASP A 215 -27.02 -2.46 9.93
C ASP A 215 -25.75 -3.22 10.30
N TYR A 216 -24.94 -2.68 11.22
CA TYR A 216 -23.70 -3.36 11.57
C TYR A 216 -23.93 -4.66 12.32
N ASP A 217 -24.83 -4.62 13.30
CA ASP A 217 -25.17 -5.80 14.10
C ASP A 217 -25.68 -6.89 13.17
N TYR A 218 -26.58 -6.54 12.24
CA TYR A 218 -27.06 -7.54 11.29
C TYR A 218 -25.90 -8.24 10.57
N SER A 219 -25.03 -7.45 9.96
CA SER A 219 -23.93 -8.01 9.21
C SER A 219 -23.12 -8.93 10.11
N VAL A 220 -22.99 -8.53 11.38
CA VAL A 220 -22.21 -9.31 12.33
C VAL A 220 -22.88 -10.66 12.66
N ARG A 221 -24.16 -10.62 13.05
CA ARG A 221 -24.89 -11.83 13.41
C ARG A 221 -24.95 -12.80 12.23
N ALA A 222 -25.25 -12.28 11.04
CA ALA A 222 -25.42 -13.11 9.86
C ALA A 222 -24.08 -13.69 9.40
N SER A 223 -23.03 -12.90 9.49
CA SER A 223 -21.70 -13.42 9.17
C SER A 223 -21.31 -14.54 10.14
N ALA A 224 -21.64 -14.37 11.41
CA ALA A 224 -21.25 -15.38 12.40
C ALA A 224 -21.92 -16.72 12.06
N GLU A 225 -23.19 -16.65 11.68
CA GLU A 225 -23.90 -17.87 11.29
C GLU A 225 -23.28 -18.51 10.03
N ILE A 226 -22.95 -17.69 9.04
CA ILE A 226 -22.35 -18.20 7.81
C ILE A 226 -21.00 -18.89 8.04
N CYS A 227 -20.21 -18.39 8.97
CA CYS A 227 -18.89 -18.97 9.21
C CYS A 227 -18.93 -20.01 10.33
N GLY A 228 -20.13 -20.38 10.76
CA GLY A 228 -20.31 -21.42 11.75
C GLY A 228 -19.66 -21.18 13.10
N LEU A 229 -19.55 -19.92 13.50
CA LEU A 229 -18.91 -19.59 14.77
C LEU A 229 -19.71 -20.17 15.92
N ASN A 230 -19.05 -20.47 17.02
CA ASN A 230 -19.75 -20.93 18.20
C ASN A 230 -18.90 -20.60 19.41
N SER A 231 -19.25 -21.15 20.56
CA SER A 231 -18.60 -20.71 21.80
C SER A 231 -17.19 -21.24 21.92
N ASN A 232 -16.85 -22.23 21.10
CA ASN A 232 -15.50 -22.79 21.08
C ASN A 232 -14.59 -22.09 20.10
N THR A 233 -15.12 -21.13 19.35
CA THR A 233 -14.29 -20.40 18.39
C THR A 233 -13.25 -19.53 19.08
N ARG A 234 -12.01 -19.69 18.65
CA ARG A 234 -10.90 -18.84 19.06
C ARG A 234 -10.29 -18.25 17.80
N LEU A 235 -10.55 -16.97 17.57
CA LEU A 235 -10.20 -16.30 16.33
C LEU A 235 -8.94 -15.45 16.51
N LEU A 236 -7.96 -15.69 15.65
CA LEU A 236 -6.76 -14.87 15.65
C LEU A 236 -7.08 -13.52 15.04
N CYS A 237 -6.72 -12.45 15.73
CA CYS A 237 -6.86 -11.11 15.18
CA CYS A 237 -6.88 -11.12 15.16
C CYS A 237 -5.48 -10.53 14.87
N ALA A 238 -4.96 -10.86 13.68
CA ALA A 238 -3.64 -10.45 13.22
C ALA A 238 -3.71 -9.32 12.19
N LEU A 239 -4.86 -9.11 11.57
CA LEU A 239 -5.07 -7.93 10.72
C LEU A 239 -5.43 -6.76 11.63
N PRO A 240 -5.36 -5.52 11.11
CA PRO A 240 -5.72 -4.38 11.97
C PRO A 240 -7.14 -4.53 12.55
N ALA A 241 -7.25 -4.43 13.86
CA ALA A 241 -8.51 -4.61 14.56
C ALA A 241 -9.67 -3.74 14.02
N PRO A 242 -9.38 -2.50 13.59
CA PRO A 242 -10.45 -1.60 13.13
C PRO A 242 -10.97 -1.94 11.74
N HIS A 243 -10.21 -2.71 10.98
CA HIS A 243 -10.62 -3.00 9.61
C HIS A 243 -11.93 -3.81 9.57
N ASN A 244 -12.83 -3.41 8.67
CA ASN A 244 -14.13 -4.06 8.53
C ASN A 244 -14.00 -5.60 8.50
N PHE A 245 -12.97 -6.07 7.80
CA PHE A 245 -12.75 -7.51 7.63
C PHE A 245 -12.53 -8.14 8.99
N MET A 246 -11.61 -7.55 9.75
CA MET A 246 -11.23 -8.10 11.06
C MET A 246 -12.21 -7.76 12.19
N LEU A 247 -13.07 -6.76 11.96
CA LEU A 247 -13.99 -6.33 13.00
C LEU A 247 -15.35 -7.03 12.90
N SER A 248 -15.78 -7.33 11.67
CA SER A 248 -17.17 -7.74 11.47
C SER A 248 -17.42 -8.86 10.45
N SER A 249 -16.36 -9.40 9.85
CA SER A 249 -16.57 -10.27 8.69
C SER A 249 -15.94 -11.66 8.75
N PRO A 250 -16.24 -12.45 9.80
CA PRO A 250 -17.12 -12.11 10.91
C PRO A 250 -16.36 -11.38 12.03
N GLY A 251 -15.05 -11.55 12.08
CA GLY A 251 -14.20 -10.73 12.92
C GLY A 251 -14.50 -10.84 14.42
N ALA A 252 -13.85 -9.98 15.19
CA ALA A 252 -14.01 -9.97 16.64
C ALA A 252 -15.47 -9.81 17.11
N LEU A 253 -16.23 -8.94 16.47
CA LEU A 253 -17.63 -8.77 16.86
C LEU A 253 -18.44 -10.06 16.64
N GLY A 254 -18.21 -10.71 15.50
CA GLY A 254 -18.87 -11.97 15.20
C GLY A 254 -18.56 -13.03 16.24
N VAL A 255 -17.29 -13.14 16.59
CA VAL A 255 -16.86 -14.13 17.56
C VAL A 255 -17.48 -13.84 18.93
N LEU A 256 -17.52 -12.57 19.31
CA LEU A 256 -18.17 -12.21 20.59
C LEU A 256 -19.67 -12.47 20.54
N HIS A 257 -20.27 -12.24 19.38
CA HIS A 257 -21.69 -12.52 19.19
C HIS A 257 -21.97 -14.01 19.41
N ALA A 258 -21.04 -14.86 18.96
CA ALA A 258 -21.19 -16.31 19.08
C ALA A 258 -20.68 -16.85 20.42
N GLY A 259 -20.21 -15.97 21.30
CA GLY A 259 -19.77 -16.38 22.62
C GLY A 259 -18.36 -16.93 22.67
N GLY A 260 -17.61 -16.80 21.59
CA GLY A 260 -16.25 -17.31 21.55
C GLY A 260 -15.21 -16.35 22.10
N CYS A 261 -13.96 -16.55 21.68
CA CYS A 261 -12.87 -15.75 22.19
C CYS A 261 -12.00 -15.18 21.05
N VAL A 262 -11.67 -13.91 21.15
CA VAL A 262 -10.69 -13.30 20.25
C VAL A 262 -9.28 -13.40 20.84
N VAL A 263 -8.31 -13.80 20.01
CA VAL A 263 -6.90 -13.94 20.41
C VAL A 263 -6.05 -12.95 19.62
N MET A 264 -5.46 -11.95 20.30
CA MET A 264 -4.75 -10.87 19.61
C MET A 264 -3.38 -11.28 19.10
N ALA A 265 -2.99 -10.71 17.96
CA ALA A 265 -1.59 -10.70 17.54
C ALA A 265 -1.28 -9.30 17.03
N PRO A 266 -0.02 -8.85 17.18
CA PRO A 266 0.41 -7.54 16.71
C PRO A 266 0.24 -7.38 15.20
N ASN A 267 0.50 -8.46 14.46
CA ASN A 267 0.48 -8.46 13.00
C ASN A 267 0.55 -9.90 12.53
N PRO A 268 0.58 -10.12 11.20
CA PRO A 268 0.57 -11.51 10.71
C PRO A 268 1.94 -12.17 10.60
N GLU A 269 2.97 -11.63 11.25
CA GLU A 269 4.29 -12.26 11.18
C GLU A 269 4.14 -13.72 11.61
N PRO A 270 4.60 -14.65 10.76
CA PRO A 270 4.29 -16.08 10.91
C PRO A 270 4.78 -16.72 12.19
N LEU A 271 6.01 -16.49 12.59
CA LEU A 271 6.52 -17.24 13.73
C LEU A 271 5.80 -16.83 14.99
N ASN A 272 5.61 -15.52 15.17
CA ASN A 272 4.87 -15.07 16.32
C ASN A 272 3.42 -15.57 16.28
N CYS A 273 2.76 -15.42 15.14
CA CYS A 273 1.40 -15.94 15.01
C CYS A 273 1.31 -17.43 15.28
N PHE A 274 2.28 -18.20 14.76
CA PHE A 274 2.28 -19.65 14.94
C PHE A 274 2.37 -20.03 16.41
N SER A 275 3.22 -19.36 17.17
CA SER A 275 3.37 -19.72 18.57
C SER A 275 2.12 -19.32 19.35
N ILE A 276 1.51 -18.19 18.97
CA ILE A 276 0.26 -17.78 19.59
C ILE A 276 -0.84 -18.81 19.31
N ILE A 277 -0.89 -19.30 18.07
CA ILE A 277 -1.88 -20.29 17.65
C ILE A 277 -1.73 -21.57 18.46
N GLN A 278 -0.48 -22.00 18.63
CA GLN A 278 -0.20 -23.18 19.42
C GLN A 278 -0.58 -22.97 20.89
N ARG A 279 -0.16 -21.84 21.47
CA ARG A 279 -0.38 -21.60 22.89
C ARG A 279 -1.85 -21.62 23.28
N HIS A 280 -2.68 -20.95 22.49
CA HIS A 280 -4.08 -20.77 22.83
C HIS A 280 -4.99 -21.68 21.99
N GLN A 281 -4.38 -22.58 21.23
CA GLN A 281 -5.15 -23.48 20.39
C GLN A 281 -6.15 -22.71 19.56
N VAL A 282 -5.66 -21.67 18.85
CA VAL A 282 -6.48 -20.90 17.92
C VAL A 282 -7.07 -21.82 16.85
N ASN A 283 -8.37 -21.67 16.55
CA ASN A 283 -8.95 -22.53 15.53
C ASN A 283 -9.47 -21.81 14.29
N MET A 284 -9.36 -20.49 14.27
CA MET A 284 -9.78 -19.70 13.11
C MET A 284 -8.86 -18.51 12.94
N ALA A 285 -8.61 -18.12 11.70
CA ALA A 285 -7.83 -16.93 11.43
C ALA A 285 -8.30 -16.25 10.15
N SER A 286 -7.92 -15.00 9.97
CA SER A 286 -8.35 -14.23 8.81
C SER A 286 -7.16 -13.46 8.28
N LEU A 287 -6.91 -13.58 6.98
CA LEU A 287 -5.72 -13.00 6.38
C LEU A 287 -5.99 -12.39 5.00
N VAL A 288 -5.03 -11.58 4.54
CA VAL A 288 -4.98 -11.16 3.14
C VAL A 288 -3.91 -12.00 2.41
N PRO A 289 -4.01 -12.10 1.08
CA PRO A 289 -3.11 -12.98 0.32
C PRO A 289 -1.59 -12.83 0.62
N SER A 290 -1.05 -11.61 0.68
CA SER A 290 0.38 -11.44 0.96
C SER A 290 0.80 -12.10 2.27
N ALA A 291 -0.09 -12.10 3.25
CA ALA A 291 0.20 -12.73 4.53
C ALA A 291 0.03 -14.26 4.44
N VAL A 292 -0.96 -14.72 3.69
CA VAL A 292 -1.10 -16.17 3.45
C VAL A 292 0.20 -16.73 2.88
N ILE A 293 0.78 -16.01 1.92
CA ILE A 293 2.05 -16.39 1.31
C ILE A 293 3.18 -16.48 2.34
N MET A 294 3.28 -15.49 3.23
CA MET A 294 4.28 -15.59 4.30
C MET A 294 4.07 -16.85 5.13
N TRP A 295 2.82 -17.13 5.48
CA TRP A 295 2.52 -18.29 6.31
C TRP A 295 2.88 -19.57 5.58
N LEU A 296 2.51 -19.65 4.30
CA LEU A 296 2.79 -20.84 3.50
C LEU A 296 4.28 -21.15 3.48
N GLU A 297 5.12 -20.12 3.47
CA GLU A 297 6.56 -20.31 3.46
C GLU A 297 7.11 -21.06 4.67
N LYS A 298 6.42 -20.99 5.81
CA LYS A 298 6.93 -21.59 7.05
C LYS A 298 6.09 -22.78 7.51
N ALA A 299 4.89 -22.93 6.95
CA ALA A 299 3.91 -23.86 7.50
C ALA A 299 4.41 -25.29 7.63
N ALA A 300 5.08 -25.78 6.59
CA ALA A 300 5.61 -27.15 6.60
C ALA A 300 6.45 -27.40 7.83
N GLN A 301 7.40 -26.50 8.08
CA GLN A 301 8.31 -26.62 9.21
C GLN A 301 7.63 -26.49 10.58
N TYR A 302 6.59 -25.67 10.67
CA TYR A 302 5.93 -25.46 11.96
C TYR A 302 4.55 -26.10 12.00
N LYS A 303 4.40 -27.16 11.22
CA LYS A 303 3.16 -27.90 11.10
C LYS A 303 2.50 -28.15 12.46
N ASP A 304 3.30 -28.61 13.42
CA ASP A 304 2.81 -28.93 14.77
C ASP A 304 2.14 -27.74 15.46
N GLN A 305 2.69 -26.55 15.25
CA GLN A 305 2.19 -25.35 15.94
C GLN A 305 0.83 -24.88 15.44
N ILE A 306 0.52 -25.13 14.17
CA ILE A 306 -0.71 -24.61 13.61
C ILE A 306 -1.78 -25.66 13.34
N GLN A 307 -1.57 -26.89 13.83
CA GLN A 307 -2.54 -27.94 13.58
C GLN A 307 -3.97 -27.55 14.01
N SER A 308 -4.09 -26.77 15.08
CA SER A 308 -5.43 -26.47 15.61
C SER A 308 -6.28 -25.60 14.67
N LEU A 309 -5.67 -24.93 13.69
CA LEU A 309 -6.45 -24.09 12.78
C LEU A 309 -7.52 -24.92 12.09
N LYS A 310 -8.78 -24.51 12.12
CA LYS A 310 -9.82 -25.26 11.40
C LYS A 310 -10.34 -24.48 10.21
N LEU A 311 -10.24 -23.16 10.27
CA LEU A 311 -10.79 -22.33 9.20
C LEU A 311 -9.94 -21.09 9.01
N LEU A 312 -9.60 -20.80 7.76
CA LEU A 312 -8.88 -19.59 7.42
C LEU A 312 -9.68 -18.81 6.40
N GLN A 313 -10.04 -17.57 6.74
CA GLN A 313 -10.62 -16.67 5.77
C GLN A 313 -9.54 -15.95 5.01
N VAL A 314 -9.77 -15.75 3.72
CA VAL A 314 -8.83 -14.98 2.93
C VAL A 314 -9.58 -13.99 2.07
N GLY A 315 -9.23 -12.72 2.22
CA GLY A 315 -9.85 -11.68 1.41
C GLY A 315 -8.79 -10.67 1.06
N GLY A 316 -9.07 -9.90 0.02
CA GLY A 316 -8.21 -8.78 -0.30
C GLY A 316 -7.97 -8.73 -1.79
N ALA A 317 -6.69 -8.69 -2.13
CA ALA A 317 -6.18 -8.69 -3.49
C ALA A 317 -6.44 -10.01 -4.19
N SER A 318 -5.78 -10.18 -5.33
CA SER A 318 -5.83 -11.43 -6.09
C SER A 318 -5.42 -12.62 -5.24
N PHE A 319 -6.18 -13.69 -5.36
CA PHE A 319 -5.91 -14.93 -4.66
C PHE A 319 -6.22 -16.03 -5.66
N PRO A 320 -5.28 -16.26 -6.59
CA PRO A 320 -5.53 -17.22 -7.68
C PRO A 320 -5.73 -18.63 -7.16
N GLU A 321 -6.34 -19.47 -7.99
CA GLU A 321 -6.72 -20.81 -7.59
C GLU A 321 -5.53 -21.62 -7.08
N SER A 322 -4.41 -21.52 -7.80
CA SER A 322 -3.23 -22.31 -7.45
C SER A 322 -2.76 -21.97 -6.05
N LEU A 323 -2.96 -20.73 -5.63
CA LEU A 323 -2.58 -20.34 -4.28
C LEU A 323 -3.64 -20.81 -3.27
N ALA A 324 -4.92 -20.60 -3.62
CA ALA A 324 -6.04 -21.03 -2.79
C ALA A 324 -5.96 -22.50 -2.38
N ARG A 325 -5.58 -23.37 -3.32
CA ARG A 325 -5.50 -24.81 -3.07
C ARG A 325 -4.41 -25.18 -2.08
N GLN A 326 -3.39 -24.33 -1.97
CA GLN A 326 -2.33 -24.59 -0.99
C GLN A 326 -2.79 -24.42 0.46
N VAL A 327 -3.92 -23.77 0.68
CA VAL A 327 -4.36 -23.53 2.06
C VAL A 327 -4.70 -24.83 2.80
N PRO A 328 -5.66 -25.62 2.28
CA PRO A 328 -5.97 -26.89 2.95
C PRO A 328 -4.77 -27.82 2.89
N GLU A 329 -4.04 -27.77 1.77
CA GLU A 329 -2.91 -28.66 1.55
C GLU A 329 -1.75 -28.41 2.49
N VAL A 330 -1.42 -27.14 2.70
CA VAL A 330 -0.24 -26.81 3.50
C VAL A 330 -0.58 -26.33 4.90
N LEU A 331 -1.61 -25.47 5.02
CA LEU A 331 -1.98 -24.93 6.33
C LEU A 331 -2.94 -25.88 7.06
N ASN A 332 -3.39 -26.91 6.36
CA ASN A 332 -4.19 -27.97 6.99
C ASN A 332 -5.49 -27.46 7.62
N CYS A 333 -6.16 -26.54 6.95
CA CYS A 333 -7.45 -26.09 7.45
C CYS A 333 -8.34 -25.78 6.26
N LYS A 334 -9.64 -25.67 6.51
CA LYS A 334 -10.56 -25.29 5.47
C LYS A 334 -10.32 -23.84 5.03
N LEU A 335 -10.59 -23.56 3.77
CA LEU A 335 -10.50 -22.20 3.23
C LEU A 335 -11.89 -21.60 3.04
N GLN A 336 -12.01 -20.32 3.36
CA GLN A 336 -13.19 -19.57 2.99
C GLN A 336 -12.70 -18.28 2.34
N GLN A 337 -13.18 -18.00 1.14
CA GLN A 337 -12.82 -16.75 0.48
C GLN A 337 -13.83 -15.68 0.85
N VAL A 338 -13.35 -14.44 0.99
CA VAL A 338 -14.22 -13.33 1.36
C VAL A 338 -13.92 -12.13 0.49
N PHE A 339 -14.96 -11.55 -0.11
CA PHE A 339 -14.80 -10.31 -0.83
C PHE A 339 -15.82 -9.31 -0.30
N GLY A 340 -15.34 -8.27 0.36
CA GLY A 340 -16.23 -7.34 1.02
C GLY A 340 -15.77 -5.90 0.88
N MET A 341 -16.45 -4.99 1.57
CA MET A 341 -16.08 -3.58 1.52
C MET A 341 -16.62 -2.89 2.76
N ALA A 342 -15.86 -1.97 3.32
CA ALA A 342 -16.31 -1.22 4.50
C ALA A 342 -17.63 -0.47 4.24
N GLU A 343 -17.94 -0.23 2.97
CA GLU A 343 -19.19 0.44 2.61
C GLU A 343 -20.43 -0.44 2.86
N GLY A 344 -20.24 -1.75 2.99
CA GLY A 344 -21.36 -2.66 3.21
C GLY A 344 -21.18 -4.09 2.72
N LEU A 345 -21.67 -4.35 1.50
CA LEU A 345 -21.69 -5.68 0.91
C LEU A 345 -20.48 -6.56 1.26
N VAL A 346 -20.76 -7.72 1.84
CA VAL A 346 -19.72 -8.74 2.03
C VAL A 346 -20.16 -10.06 1.41
N ASN A 347 -19.22 -10.73 0.75
CA ASN A 347 -19.47 -12.03 0.11
C ASN A 347 -18.58 -13.10 0.72
N TYR A 348 -19.14 -14.27 1.01
CA TYR A 348 -18.38 -15.41 1.53
C TYR A 348 -18.63 -16.65 0.68
N THR A 349 -17.60 -17.44 0.42
CA THR A 349 -17.85 -18.81 0.01
C THR A 349 -18.44 -19.51 1.24
N ARG A 350 -19.40 -20.40 1.04
CA ARG A 350 -20.03 -21.08 2.16
C ARG A 350 -19.21 -22.31 2.54
N LEU A 351 -19.36 -22.76 3.78
CA LEU A 351 -18.56 -23.86 4.27
C LEU A 351 -18.87 -25.19 3.57
N ASP A 352 -20.04 -25.30 2.98
CA ASP A 352 -20.41 -26.52 2.26
C ASP A 352 -20.41 -26.29 0.74
N ASP A 353 -19.70 -25.26 0.29
CA ASP A 353 -19.56 -25.03 -1.15
C ASP A 353 -18.65 -26.11 -1.73
N SER A 354 -18.73 -26.31 -3.03
CA SER A 354 -17.85 -27.26 -3.71
C SER A 354 -16.44 -26.72 -3.68
N ASP A 355 -15.47 -27.62 -3.81
CA ASP A 355 -14.06 -27.28 -3.93
C ASP A 355 -13.81 -26.24 -5.01
N GLU A 356 -14.51 -26.39 -6.13
CA GLU A 356 -14.36 -25.47 -7.25
C GLU A 356 -14.82 -24.07 -6.87
N GLN A 357 -15.94 -24.00 -6.19
CA GLN A 357 -16.49 -22.73 -5.75
C GLN A 357 -15.52 -22.06 -4.78
N ILE A 358 -15.00 -22.87 -3.85
CA ILE A 358 -14.13 -22.36 -2.80
C ILE A 358 -12.78 -21.89 -3.35
N PHE A 359 -12.22 -22.62 -4.32
CA PHE A 359 -10.90 -22.28 -4.85
C PHE A 359 -10.90 -21.28 -6.02
N THR A 360 -12.05 -21.06 -6.66
CA THR A 360 -12.08 -20.20 -7.84
C THR A 360 -13.06 -19.04 -7.80
N THR A 361 -13.77 -18.86 -6.67
CA THR A 361 -14.69 -17.72 -6.53
C THR A 361 -14.52 -16.98 -5.19
N GLN A 362 -15.08 -15.78 -5.11
CA GLN A 362 -15.06 -15.03 -3.87
C GLN A 362 -16.45 -15.05 -3.21
N GLY A 363 -17.23 -16.08 -3.52
CA GLY A 363 -18.46 -16.37 -2.79
C GLY A 363 -19.69 -15.57 -3.20
N ARG A 364 -20.68 -15.54 -2.30
CA ARG A 364 -21.92 -14.83 -2.57
C ARG A 364 -22.34 -14.00 -1.36
N PRO A 365 -23.27 -13.05 -1.54
CA PRO A 365 -23.59 -12.08 -0.49
C PRO A 365 -24.16 -12.70 0.80
N ILE A 366 -23.96 -11.99 1.90
CA ILE A 366 -24.54 -12.38 3.17
C ILE A 366 -26.07 -12.56 3.09
N SER A 367 -26.76 -11.61 2.46
CA SER A 367 -28.22 -11.56 2.56
C SER A 367 -28.95 -11.89 1.27
N SER A 368 -30.10 -12.56 1.39
CA SER A 368 -30.93 -12.81 0.22
C SER A 368 -31.42 -11.47 -0.31
N ASP A 369 -31.29 -10.43 0.50
CA ASP A 369 -31.74 -9.11 0.12
C ASP A 369 -30.63 -8.13 -0.22
N ASP A 370 -29.40 -8.65 -0.32
CA ASP A 370 -28.34 -7.92 -0.97
C ASP A 370 -28.68 -7.93 -2.45
N GLU A 371 -28.92 -6.75 -3.02
CA GLU A 371 -29.25 -6.68 -4.44
C GLU A 371 -28.00 -6.29 -5.23
N ILE A 372 -27.84 -6.95 -6.38
CA ILE A 372 -26.62 -6.81 -7.17
C ILE A 372 -26.94 -6.46 -8.62
N LYS A 373 -26.30 -5.42 -9.15
CA LYS A 373 -26.26 -5.22 -10.61
C LYS A 373 -24.81 -5.30 -11.10
N ILE A 374 -24.62 -6.01 -12.20
CA ILE A 374 -23.32 -6.02 -12.88
C ILE A 374 -23.50 -5.38 -14.25
N VAL A 375 -22.87 -4.23 -14.46
CA VAL A 375 -23.20 -3.39 -15.61
C VAL A 375 -22.02 -3.04 -16.53
N ASP A 376 -22.36 -2.68 -17.77
CA ASP A 376 -21.36 -2.27 -18.76
C ASP A 376 -21.11 -0.77 -18.69
N GLU A 377 -20.46 -0.26 -19.72
CA GLU A 377 -20.02 1.14 -19.75
C GLU A 377 -21.19 2.11 -19.86
N GLN A 378 -22.34 1.62 -20.34
CA GLN A 378 -23.56 2.42 -20.36
C GLN A 378 -24.49 2.08 -19.20
N TYR A 379 -23.95 1.41 -18.20
CA TYR A 379 -24.72 1.08 -17.00
C TYR A 379 -25.94 0.21 -17.30
N ARG A 380 -25.88 -0.53 -18.40
CA ARG A 380 -26.88 -1.55 -18.66
C ARG A 380 -26.35 -2.88 -18.11
N GLU A 381 -27.25 -3.67 -17.52
CA GLU A 381 -26.85 -4.98 -17.01
C GLU A 381 -26.27 -5.83 -18.13
N VAL A 382 -25.06 -6.34 -17.91
CA VAL A 382 -24.42 -7.19 -18.90
C VAL A 382 -25.16 -8.51 -18.99
N PRO A 383 -24.96 -9.24 -20.10
CA PRO A 383 -25.49 -10.61 -20.20
C PRO A 383 -24.96 -11.47 -19.05
N GLU A 384 -25.79 -12.38 -18.56
CA GLU A 384 -25.43 -13.24 -17.43
C GLU A 384 -24.09 -13.93 -17.63
N GLY A 385 -23.19 -13.75 -16.67
CA GLY A 385 -21.90 -14.42 -16.70
C GLY A 385 -20.75 -13.56 -17.20
N GLU A 386 -21.07 -12.43 -17.82
CA GLU A 386 -20.05 -11.56 -18.38
C GLU A 386 -19.46 -10.64 -17.32
N ILE A 387 -18.31 -10.05 -17.61
CA ILE A 387 -17.66 -9.17 -16.66
C ILE A 387 -18.29 -7.78 -16.71
N GLY A 388 -18.54 -7.22 -15.52
CA GLY A 388 -19.11 -5.89 -15.44
C GLY A 388 -18.74 -5.17 -14.15
N MET A 389 -19.16 -3.91 -14.06
CA MET A 389 -19.00 -3.09 -12.86
C MET A 389 -20.08 -3.42 -11.84
N LEU A 390 -19.66 -3.57 -10.60
CA LEU A 390 -20.55 -3.92 -9.50
C LEU A 390 -21.35 -2.72 -8.99
N ALA A 391 -22.67 -2.90 -8.87
CA ALA A 391 -23.49 -1.92 -8.16
C ALA A 391 -24.31 -2.69 -7.15
N THR A 392 -24.48 -2.15 -5.95
CA THR A 392 -25.16 -2.92 -4.93
C THR A 392 -25.93 -2.08 -3.91
N ARG A 393 -26.96 -2.67 -3.32
CA ARG A 393 -27.62 -2.09 -2.15
C ARG A 393 -28.21 -3.23 -1.34
N GLY A 394 -28.46 -2.98 -0.06
CA GLY A 394 -28.89 -4.04 0.84
C GLY A 394 -29.04 -3.56 2.28
N PRO A 395 -29.38 -4.47 3.18
CA PRO A 395 -29.70 -4.16 4.59
C PRO A 395 -28.48 -3.68 5.39
N TYR A 396 -27.25 -3.85 4.90
CA TYR A 396 -26.11 -3.32 5.66
C TYR A 396 -25.16 -2.52 4.77
N THR A 397 -25.63 -2.14 3.58
CA THR A 397 -24.83 -1.28 2.71
C THR A 397 -25.26 0.18 2.86
N PHE A 398 -24.29 1.09 3.00
CA PHE A 398 -24.56 2.49 3.33
C PHE A 398 -25.26 3.25 2.20
N CYS A 399 -25.71 4.45 2.50
CA CYS A 399 -26.46 5.24 1.50
C CYS A 399 -25.73 6.52 1.12
N GLY A 400 -24.56 6.73 1.71
CA GLY A 400 -23.69 7.84 1.34
C GLY A 400 -22.57 8.09 2.34
N TYR A 401 -21.47 8.65 1.86
CA TYR A 401 -20.38 9.03 2.75
C TYR A 401 -20.78 10.25 3.61
N TYR A 402 -20.16 10.37 4.77
CA TYR A 402 -20.42 11.48 5.68
C TYR A 402 -20.16 12.85 5.05
N GLN A 403 -21.18 13.68 4.98
CA GLN A 403 -20.99 15.07 4.54
C GLN A 403 -20.27 15.16 3.20
N SER A 404 -20.71 14.37 2.23
CA SER A 404 -20.03 14.33 0.94
C SER A 404 -21.03 14.22 -0.20
N PRO A 405 -21.90 15.24 -0.34
CA PRO A 405 -23.00 15.22 -1.32
C PRO A 405 -22.50 15.13 -2.75
N GLU A 406 -21.40 15.80 -3.06
CA GLU A 406 -20.84 15.74 -4.41
C GLU A 406 -20.41 14.32 -4.77
N HIS A 407 -19.49 13.76 -4.00
CA HIS A 407 -19.02 12.41 -4.27
C HIS A 407 -20.15 11.37 -4.27
N ASN A 408 -21.04 11.44 -3.28
CA ASN A 408 -22.17 10.53 -3.19
C ASN A 408 -22.98 10.49 -4.49
N SER A 409 -23.24 11.67 -5.05
CA SER A 409 -24.03 11.76 -6.28
C SER A 409 -23.28 11.10 -7.43
N GLN A 410 -21.96 11.03 -7.31
CA GLN A 410 -21.14 10.44 -8.36
C GLN A 410 -21.00 8.91 -8.24
N VAL A 411 -21.28 8.34 -7.07
CA VAL A 411 -21.19 6.88 -6.88
C VAL A 411 -22.50 6.15 -6.56
N PHE A 412 -23.61 6.86 -6.44
CA PHE A 412 -24.93 6.22 -6.30
C PHE A 412 -25.77 6.53 -7.54
N ASP A 413 -26.59 5.58 -7.97
CA ASP A 413 -27.54 5.86 -9.04
C ASP A 413 -28.89 6.27 -8.46
N GLU A 414 -29.86 6.56 -9.33
CA GLU A 414 -31.14 7.09 -8.85
C GLU A 414 -31.80 6.14 -7.88
N ASP A 415 -31.56 4.83 -8.05
CA ASP A 415 -32.14 3.82 -7.17
C ASP A 415 -31.28 3.55 -5.93
N ASN A 416 -30.29 4.41 -5.71
CA ASN A 416 -29.44 4.27 -4.54
C ASN A 416 -28.61 2.99 -4.54
N TYR A 417 -28.31 2.46 -5.71
CA TYR A 417 -27.27 1.44 -5.81
C TYR A 417 -25.93 2.13 -5.66
N TYR A 418 -25.04 1.48 -4.92
CA TYR A 418 -23.67 1.94 -4.73
C TYR A 418 -22.74 1.27 -5.75
N TYR A 419 -21.96 2.09 -6.46
CA TYR A 419 -21.03 1.56 -7.46
C TYR A 419 -19.64 1.51 -6.86
N SER A 420 -19.20 0.30 -6.57
CA SER A 420 -18.00 0.09 -5.75
C SER A 420 -16.72 0.21 -6.56
N GLY A 421 -16.87 0.20 -7.89
CA GLY A 421 -15.72 0.27 -8.77
C GLY A 421 -15.10 -1.08 -9.04
N ASP A 422 -15.67 -2.14 -8.46
CA ASP A 422 -15.13 -3.48 -8.66
C ASP A 422 -15.64 -4.09 -9.95
N LEU A 423 -14.76 -4.83 -10.62
CA LEU A 423 -15.14 -5.57 -11.82
C LEU A 423 -15.37 -7.02 -11.44
N VAL A 424 -16.52 -7.55 -11.81
CA VAL A 424 -16.89 -8.88 -11.34
C VAL A 424 -17.68 -9.65 -12.40
N GLN A 425 -17.76 -10.97 -12.24
CA GLN A 425 -18.68 -11.78 -13.03
C GLN A 425 -19.36 -12.79 -12.13
N ARG A 426 -20.62 -13.10 -12.42
CA ARG A 426 -21.33 -14.14 -11.68
C ARG A 426 -21.06 -15.49 -12.32
N THR A 427 -20.72 -16.47 -11.50
CA THR A 427 -20.47 -17.81 -11.99
C THR A 427 -21.80 -18.55 -12.08
N PRO A 428 -21.85 -19.61 -12.91
CA PRO A 428 -23.10 -20.37 -13.08
C PRO A 428 -23.63 -20.89 -11.74
N ASP A 429 -22.72 -21.32 -10.88
CA ASP A 429 -23.05 -21.81 -9.54
C ASP A 429 -23.78 -20.78 -8.67
N GLY A 430 -23.61 -19.49 -8.97
CA GLY A 430 -24.25 -18.42 -8.20
C GLY A 430 -23.30 -17.49 -7.45
N ASN A 431 -22.03 -17.86 -7.36
CA ASN A 431 -21.03 -17.03 -6.67
C ASN A 431 -20.51 -15.89 -7.53
N LEU A 432 -19.65 -15.06 -6.94
CA LEU A 432 -19.03 -13.97 -7.66
C LEU A 432 -17.52 -14.20 -7.81
N ARG A 433 -16.99 -13.81 -8.95
CA ARG A 433 -15.56 -13.77 -9.17
C ARG A 433 -15.14 -12.32 -9.37
N VAL A 434 -14.23 -11.85 -8.52
CA VAL A 434 -13.67 -10.51 -8.65
C VAL A 434 -12.50 -10.55 -9.63
N VAL A 435 -12.53 -9.67 -10.63
CA VAL A 435 -11.62 -9.77 -11.77
C VAL A 435 -10.76 -8.52 -11.91
N GLY A 436 -11.18 -7.42 -11.32
CA GLY A 436 -10.40 -6.21 -11.41
C GLY A 436 -11.08 -5.04 -10.75
N ARG A 437 -10.61 -3.84 -11.10
CA ARG A 437 -11.14 -2.62 -10.51
C ARG A 437 -11.12 -1.51 -11.55
N ILE A 438 -12.12 -0.64 -11.49
CA ILE A 438 -12.22 0.50 -12.37
C ILE A 438 -12.21 1.77 -11.54
N LYS A 439 -11.56 2.81 -12.03
CA LYS A 439 -11.45 4.08 -11.31
C LYS A 439 -12.55 5.04 -11.74
N LYS B 5 32.16 -15.93 -13.87
CA LYS B 5 32.48 -15.87 -15.29
C LYS B 5 31.23 -15.97 -16.15
N GLN B 6 30.18 -16.63 -15.64
CA GLN B 6 28.91 -16.72 -16.37
C GLN B 6 27.99 -15.56 -15.97
N LEU B 7 27.57 -14.78 -16.96
CA LEU B 7 26.78 -13.59 -16.70
C LEU B 7 25.38 -13.97 -16.22
N ILE B 8 24.75 -13.05 -15.49
CA ILE B 8 23.37 -13.24 -15.01
C ILE B 8 22.46 -13.60 -16.20
N GLU B 9 21.63 -14.63 -16.03
CA GLU B 9 20.68 -15.03 -17.08
C GLU B 9 19.43 -14.13 -17.15
N PHE B 10 18.94 -13.91 -18.37
CA PHE B 10 17.73 -13.14 -18.58
C PHE B 10 17.15 -13.50 -19.95
N VAL B 11 15.94 -13.03 -20.23
CA VAL B 11 15.31 -13.31 -21.52
C VAL B 11 15.61 -12.18 -22.52
N ARG B 12 16.28 -12.52 -23.62
CA ARG B 12 16.69 -11.57 -24.65
C ARG B 12 15.55 -11.20 -25.58
N TRP B 13 15.69 -10.02 -26.17
CA TRP B 13 14.91 -9.62 -27.33
C TRP B 13 15.28 -10.54 -28.49
N SER B 14 14.39 -10.68 -29.46
CA SER B 14 14.72 -11.41 -30.67
C SER B 14 15.79 -10.62 -31.40
N PRO B 15 16.71 -11.32 -32.09
CA PRO B 15 17.80 -10.67 -32.84
C PRO B 15 17.28 -9.62 -33.83
N GLU B 16 16.13 -9.89 -34.45
CA GLU B 16 15.53 -8.95 -35.37
C GLU B 16 15.15 -7.64 -34.67
N ARG B 17 14.57 -7.75 -33.48
CA ARG B 17 14.21 -6.56 -32.71
C ARG B 17 15.47 -5.82 -32.24
N ALA B 18 16.45 -6.56 -31.72
CA ALA B 18 17.72 -5.96 -31.32
C ALA B 18 18.35 -5.16 -32.46
N GLN B 19 18.42 -5.77 -33.65
CA GLN B 19 18.99 -5.04 -34.78
C GLN B 19 18.24 -3.77 -35.08
N HIS B 20 16.91 -3.86 -35.10
CA HIS B 20 16.07 -2.70 -35.39
C HIS B 20 16.28 -1.58 -34.36
N TYR B 21 16.37 -1.95 -33.08
CA TYR B 21 16.61 -0.96 -32.03
C TYR B 21 18.00 -0.31 -32.11
N ARG B 22 18.98 -1.06 -32.62
CA ARG B 22 20.27 -0.45 -32.90
C ARG B 22 20.20 0.45 -34.13
N ASN B 23 19.53 -0.03 -35.17
CA ASN B 23 19.38 0.77 -36.37
C ASN B 23 18.70 2.12 -36.11
N LYS B 24 17.67 2.13 -35.25
CA LYS B 24 16.97 3.38 -34.95
C LYS B 24 17.79 4.31 -34.05
N GLY B 25 18.90 3.81 -33.51
CA GLY B 25 19.71 4.62 -32.60
C GLY B 25 19.26 4.58 -31.15
N TYR B 26 18.32 3.69 -30.84
CA TYR B 26 17.84 3.57 -29.46
C TYR B 26 18.93 2.95 -28.58
N TRP B 27 19.38 1.76 -28.99
CA TRP B 27 20.45 1.05 -28.29
C TRP B 27 21.77 1.49 -28.90
N ILE B 28 22.64 2.12 -28.10
CA ILE B 28 23.93 2.60 -28.60
C ILE B 28 25.09 1.79 -28.02
N ASP B 29 24.75 0.72 -27.30
CA ASP B 29 25.73 -0.20 -26.75
C ASP B 29 26.81 0.43 -25.87
N GLN B 30 26.40 1.37 -25.03
CA GLN B 30 27.26 1.95 -24.01
C GLN B 30 26.77 1.55 -22.62
N PRO B 31 27.69 1.39 -21.65
CA PRO B 31 27.21 1.06 -20.31
C PRO B 31 26.52 2.27 -19.71
N LEU B 32 25.69 2.05 -18.69
CA LEU B 32 25.01 3.16 -18.01
C LEU B 32 25.98 4.19 -17.42
N THR B 33 27.23 3.79 -17.20
CA THR B 33 28.24 4.70 -16.71
C THR B 33 28.54 5.83 -17.72
N ARG B 34 28.09 5.65 -18.96
CA ARG B 34 28.20 6.70 -19.97
C ARG B 34 27.77 8.06 -19.41
N ILE B 35 26.68 8.05 -18.65
CA ILE B 35 26.14 9.27 -18.06
C ILE B 35 27.19 10.06 -17.26
N LEU B 36 28.01 9.34 -16.51
CA LEU B 36 29.06 9.93 -15.68
C LEU B 36 30.27 10.29 -16.54
N THR B 37 30.70 9.33 -17.35
CA THR B 37 31.83 9.52 -18.25
C THR B 37 31.68 10.83 -19.04
N VAL B 38 30.59 10.93 -19.77
CA VAL B 38 30.30 12.12 -20.56
C VAL B 38 30.25 13.39 -19.72
N GLY B 39 29.64 13.29 -18.54
CA GLY B 39 29.51 14.45 -17.67
C GLY B 39 30.84 15.00 -17.22
N VAL B 40 31.75 14.12 -16.88
CA VAL B 40 33.04 14.52 -16.37
C VAL B 40 33.90 15.18 -17.46
N GLN B 41 33.65 14.80 -18.71
CA GLN B 41 34.32 15.41 -19.85
C GLN B 41 33.78 16.81 -20.13
N SER B 42 32.46 16.97 -20.02
CA SER B 42 31.79 18.19 -20.43
C SER B 42 31.65 19.27 -19.36
N HIS B 43 31.49 18.86 -18.11
CA HIS B 43 31.24 19.81 -17.02
C HIS B 43 31.57 19.19 -15.66
N PRO B 44 32.86 18.86 -15.44
CA PRO B 44 33.31 18.16 -14.25
C PRO B 44 32.82 18.82 -12.97
N HIS B 45 32.72 20.14 -12.99
CA HIS B 45 32.49 20.89 -11.78
C HIS B 45 31.07 21.41 -11.65
N SER B 46 30.22 21.07 -12.62
CA SER B 46 28.79 21.26 -12.42
C SER B 46 28.39 20.41 -11.24
N LEU B 47 27.38 20.86 -10.50
CA LEU B 47 26.84 20.10 -9.38
C LEU B 47 25.98 18.95 -9.90
N ALA B 48 26.23 17.77 -9.37
CA ALA B 48 25.51 16.57 -9.77
C ALA B 48 24.45 16.21 -8.73
N ILE B 49 24.86 16.21 -7.46
CA ILE B 49 23.97 15.80 -6.37
C ILE B 49 24.04 16.79 -5.20
N ILE B 50 22.88 17.19 -4.69
CA ILE B 50 22.81 17.98 -3.49
C ILE B 50 22.06 17.17 -2.44
N CYS B 51 22.73 16.89 -1.34
CA CYS B 51 22.15 16.09 -0.26
C CYS B 51 22.39 16.77 1.08
N GLY B 52 21.38 17.51 1.55
CA GLY B 52 21.50 18.29 2.78
C GLY B 52 22.62 19.31 2.69
N GLU B 53 23.71 19.07 3.42
CA GLU B 53 24.86 19.95 3.39
C GLU B 53 25.89 19.55 2.33
N ARG B 54 25.84 18.29 1.90
CA ARG B 54 26.79 17.82 0.89
C ARG B 54 26.42 18.32 -0.49
N GLN B 55 27.45 18.58 -1.29
CA GLN B 55 27.29 18.93 -2.69
C GLN B 55 28.37 18.22 -3.51
N LEU B 56 27.97 17.31 -4.39
CA LEU B 56 28.91 16.59 -5.22
C LEU B 56 28.86 17.07 -6.64
N SER B 57 30.02 17.40 -7.19
CA SER B 57 30.11 17.72 -8.61
C SER B 57 30.20 16.42 -9.42
N TYR B 58 30.08 16.53 -10.73
CA TYR B 58 30.21 15.37 -11.59
C TYR B 58 31.53 14.62 -11.41
N ILE B 59 32.64 15.36 -11.35
CA ILE B 59 33.92 14.71 -11.16
C ILE B 59 34.05 14.03 -9.80
N GLU B 60 33.57 14.67 -8.74
CA GLU B 60 33.55 14.05 -7.40
C GLU B 60 32.72 12.76 -7.44
N LEU B 61 31.50 12.85 -7.97
CA LEU B 61 30.65 11.66 -8.07
C LEU B 61 31.38 10.55 -8.84
N ASP B 62 32.09 10.91 -9.91
CA ASP B 62 32.82 9.93 -10.69
C ASP B 62 33.95 9.29 -9.87
N ARG B 63 34.74 10.13 -9.22
CA ARG B 63 35.91 9.68 -8.45
C ARG B 63 35.50 8.77 -7.28
N LEU B 64 34.50 9.22 -6.52
CA LEU B 64 33.99 8.45 -5.40
C LEU B 64 33.43 7.08 -5.80
N SER B 65 32.69 7.02 -6.91
CA SER B 65 32.17 5.73 -7.37
C SER B 65 33.30 4.86 -7.91
N THR B 66 34.25 5.47 -8.61
CA THR B 66 35.46 4.72 -8.98
C THR B 66 36.14 4.13 -7.74
N ASN B 67 36.33 4.94 -6.69
CA ASN B 67 37.01 4.44 -5.50
C ASN B 67 36.38 3.13 -5.00
N LEU B 68 35.06 3.15 -4.83
CA LEU B 68 34.35 1.99 -4.33
C LEU B 68 34.49 0.80 -5.28
N ALA B 69 34.36 1.07 -6.57
CA ALA B 69 34.56 0.02 -7.56
C ALA B 69 35.93 -0.67 -7.39
N THR B 70 37.00 0.12 -7.28
CA THR B 70 38.33 -0.50 -7.17
C THR B 70 38.41 -1.44 -5.98
N ARG B 71 37.72 -1.10 -4.89
CA ARG B 71 37.82 -1.90 -3.68
C ARG B 71 37.04 -3.20 -3.81
N LEU B 72 35.93 -3.16 -4.54
CA LEU B 72 35.14 -4.35 -4.78
C LEU B 72 35.89 -5.31 -5.69
N ALA B 73 36.48 -4.75 -6.75
CA ALA B 73 37.28 -5.55 -7.66
C ALA B 73 38.44 -6.18 -6.88
N GLU B 74 39.12 -5.36 -6.08
CA GLU B 74 40.22 -5.87 -5.26
C GLU B 74 39.80 -7.12 -4.48
N LYS B 75 38.55 -7.14 -4.04
CA LYS B 75 38.03 -8.25 -3.25
C LYS B 75 37.46 -9.40 -4.07
N GLY B 76 37.63 -9.34 -5.39
CA GLY B 76 37.18 -10.41 -6.26
C GLY B 76 35.67 -10.39 -6.53
N LEU B 77 35.06 -9.23 -6.38
CA LEU B 77 33.65 -9.10 -6.77
C LEU B 77 33.55 -8.46 -8.15
N GLY B 78 32.97 -9.18 -9.10
CA GLY B 78 32.86 -8.67 -10.44
C GLY B 78 31.80 -9.35 -11.26
N LYS B 79 32.09 -9.52 -12.55
CA LYS B 79 31.12 -10.06 -13.48
C LYS B 79 30.64 -11.42 -13.03
N GLY B 80 29.33 -11.61 -13.08
CA GLY B 80 28.71 -12.83 -12.61
C GLY B 80 28.29 -12.76 -11.16
N ASP B 81 28.81 -11.79 -10.41
CA ASP B 81 28.36 -11.56 -9.02
C ASP B 81 27.21 -10.57 -8.88
N THR B 82 26.51 -10.64 -7.76
CA THR B 82 25.40 -9.73 -7.47
C THR B 82 25.57 -9.05 -6.12
N ALA B 83 24.85 -7.95 -5.94
CA ALA B 83 24.84 -7.20 -4.69
C ALA B 83 23.42 -6.77 -4.36
N LEU B 84 23.14 -6.67 -3.06
CA LEU B 84 21.88 -6.16 -2.57
C LEU B 84 22.14 -4.86 -1.83
N VAL B 85 21.46 -3.79 -2.21
CA VAL B 85 21.69 -2.49 -1.61
C VAL B 85 20.39 -1.94 -1.03
N GLN B 86 20.43 -1.46 0.22
CA GLN B 86 19.31 -0.80 0.84
C GLN B 86 19.75 0.49 1.53
N LEU B 87 19.52 1.61 0.86
CA LEU B 87 19.94 2.91 1.36
C LEU B 87 18.82 3.91 1.24
N PRO B 88 18.80 4.90 2.13
CA PRO B 88 17.78 5.95 2.07
C PRO B 88 18.07 6.94 0.95
N ASN B 89 17.29 7.99 0.86
CA ASN B 89 17.49 8.99 -0.19
C ASN B 89 18.67 9.90 0.09
N VAL B 90 19.87 9.34 -0.03
CA VAL B 90 21.09 10.10 0.23
C VAL B 90 22.03 10.00 -0.96
N ALA B 91 22.98 10.93 -1.05
CA ALA B 91 23.97 10.93 -2.12
C ALA B 91 24.67 9.58 -2.29
N GLU B 92 24.96 8.90 -1.18
CA GLU B 92 25.60 7.59 -1.27
C GLU B 92 24.79 6.58 -2.11
N PHE B 93 23.48 6.78 -2.26
CA PHE B 93 22.74 5.84 -3.12
C PHE B 93 23.31 5.81 -4.55
N TYR B 94 23.57 6.98 -5.12
CA TYR B 94 24.07 7.09 -6.49
C TYR B 94 25.56 6.74 -6.63
N ILE B 95 26.35 7.07 -5.60
CA ILE B 95 27.75 6.65 -5.56
C ILE B 95 27.88 5.12 -5.62
N VAL B 96 27.07 4.43 -4.82
CA VAL B 96 27.05 2.97 -4.82
C VAL B 96 26.48 2.40 -6.14
N PHE B 97 25.41 2.98 -6.66
CA PHE B 97 24.84 2.50 -7.92
C PHE B 97 25.88 2.55 -9.05
N PHE B 98 26.51 3.72 -9.24
CA PHE B 98 27.54 3.85 -10.25
C PHE B 98 28.80 2.99 -10.00
N ALA B 99 29.19 2.84 -8.74
CA ALA B 99 30.31 1.93 -8.40
C ALA B 99 30.05 0.50 -8.88
N LEU B 100 28.84 0.01 -8.66
CA LEU B 100 28.52 -1.37 -9.00
C LEU B 100 28.38 -1.55 -10.52
N LEU B 101 27.85 -0.53 -11.18
CA LEU B 101 27.76 -0.51 -12.64
C LEU B 101 29.16 -0.53 -13.22
N LYS B 102 30.06 0.27 -12.65
CA LYS B 102 31.46 0.32 -13.07
C LYS B 102 32.14 -1.04 -12.88
N ALA B 103 31.88 -1.66 -11.74
CA ALA B 103 32.56 -2.91 -11.38
C ALA B 103 31.99 -4.16 -12.07
N GLY B 104 30.86 -4.00 -12.75
CA GLY B 104 30.23 -5.13 -13.40
C GLY B 104 29.48 -6.05 -12.45
N VAL B 105 29.10 -5.52 -11.29
CA VAL B 105 28.31 -6.27 -10.32
C VAL B 105 26.82 -5.96 -10.50
N VAL B 106 26.00 -6.99 -10.74
CA VAL B 106 24.57 -6.76 -11.00
C VAL B 106 23.81 -6.47 -9.70
N VAL B 107 23.31 -5.26 -9.55
CA VAL B 107 22.73 -4.84 -8.28
C VAL B 107 21.20 -4.88 -8.22
N LEU B 108 20.69 -5.27 -7.07
CA LEU B 108 19.27 -5.13 -6.75
C LEU B 108 19.15 -4.08 -5.66
N ASN B 109 18.47 -2.97 -5.96
CA ASN B 109 18.24 -1.92 -4.97
C ASN B 109 16.92 -2.15 -4.28
N ALA B 110 16.94 -2.60 -3.03
CA ALA B 110 15.73 -2.75 -2.26
C ALA B 110 15.20 -1.37 -1.87
N LEU B 111 13.89 -1.26 -1.65
CA LEU B 111 13.35 -0.03 -1.09
C LEU B 111 13.78 0.08 0.37
N TYR B 112 13.98 1.29 0.82
CA TYR B 112 14.36 1.50 2.21
C TYR B 112 13.22 1.03 3.13
N SER B 113 12.00 1.04 2.60
CA SER B 113 10.82 0.59 3.34
C SER B 113 10.73 -0.92 3.44
N HIS B 114 11.51 -1.64 2.66
CA HIS B 114 11.49 -3.10 2.74
C HIS B 114 11.99 -3.61 4.08
N ARG B 115 11.53 -4.80 4.48
CA ARG B 115 11.94 -5.35 5.76
C ARG B 115 12.57 -6.72 5.55
N GLN B 116 12.79 -7.46 6.63
CA GLN B 116 13.53 -8.71 6.56
C GLN B 116 12.88 -9.74 5.63
N TYR B 117 11.56 -9.75 5.59
CA TYR B 117 10.87 -10.68 4.70
C TYR B 117 11.28 -10.48 3.25
N GLU B 118 11.24 -9.23 2.77
CA GLU B 118 11.65 -8.95 1.39
C GLU B 118 13.14 -9.17 1.16
N LEU B 119 13.96 -8.64 2.07
CA LEU B 119 15.40 -8.80 1.96
C LEU B 119 15.76 -10.29 1.89
N ASN B 120 15.19 -11.10 2.78
CA ASN B 120 15.44 -12.54 2.73
C ASN B 120 15.10 -13.17 1.38
N ALA B 121 13.92 -12.85 0.87
CA ALA B 121 13.53 -13.32 -0.47
C ALA B 121 14.53 -12.88 -1.55
N PHE B 122 14.96 -11.62 -1.51
CA PHE B 122 15.90 -11.13 -2.50
C PHE B 122 17.22 -11.90 -2.39
N ILE B 123 17.73 -12.00 -1.17
CA ILE B 123 18.99 -12.69 -0.94
C ILE B 123 18.97 -14.12 -1.46
N LYS B 124 17.92 -14.86 -1.11
CA LYS B 124 17.75 -16.21 -1.62
C LYS B 124 17.75 -16.27 -3.15
N GLN B 125 17.16 -15.28 -3.82
CA GLN B 125 17.09 -15.30 -5.28
C GLN B 125 18.41 -15.01 -6.01
N ILE B 126 19.16 -14.02 -5.53
CA ILE B 126 20.35 -13.56 -6.27
C ILE B 126 21.67 -13.90 -5.55
N GLN B 127 21.59 -14.42 -4.32
CA GLN B 127 22.76 -14.83 -3.58
C GLN B 127 23.89 -13.82 -3.71
N PRO B 128 23.67 -12.61 -3.19
CA PRO B 128 24.62 -11.51 -3.35
C PRO B 128 25.86 -11.75 -2.51
N LYS B 129 27.02 -11.35 -3.02
CA LYS B 129 28.27 -11.44 -2.28
C LYS B 129 28.56 -10.13 -1.58
N LEU B 130 27.77 -9.12 -1.90
CA LEU B 130 27.91 -7.83 -1.25
C LEU B 130 26.55 -7.38 -0.75
N LEU B 131 26.51 -6.95 0.51
CA LEU B 131 25.30 -6.36 1.07
C LEU B 131 25.67 -4.96 1.57
N ILE B 132 24.89 -3.96 1.19
CA ILE B 132 25.10 -2.60 1.68
C ILE B 132 23.82 -2.10 2.30
N GLY B 133 23.90 -1.70 3.57
CA GLY B 133 22.74 -1.23 4.32
C GLY B 133 23.08 -0.05 5.22
N SER B 134 22.13 0.32 6.09
CA SER B 134 22.31 1.42 7.03
C SER B 134 21.95 1.00 8.44
N ARG B 135 22.82 1.32 9.40
CA ARG B 135 22.61 0.95 10.79
C ARG B 135 21.35 1.60 11.38
N GLN B 136 20.94 2.73 10.79
CA GLN B 136 19.70 3.38 11.20
C GLN B 136 18.43 2.65 10.78
N HIS B 137 18.56 1.68 9.85
CA HIS B 137 17.39 0.90 9.42
C HIS B 137 17.07 -0.18 10.45
N GLU B 138 15.78 -0.38 10.72
CA GLU B 138 15.34 -1.34 11.75
C GLU B 138 15.96 -2.73 11.58
N VAL B 139 16.09 -3.20 10.36
CA VAL B 139 16.66 -4.54 10.13
C VAL B 139 18.13 -4.64 10.56
N PHE B 140 18.81 -3.50 10.64
CA PHE B 140 20.22 -3.51 11.01
C PHE B 140 20.47 -2.81 12.36
N SER B 141 19.38 -2.59 13.11
CA SER B 141 19.46 -2.08 14.48
C SER B 141 20.27 -3.02 15.34
N ASN B 142 20.26 -4.29 14.96
CA ASN B 142 21.06 -5.31 15.63
C ASN B 142 21.53 -6.31 14.59
N ASN B 143 22.09 -7.43 15.03
CA ASN B 143 22.71 -8.36 14.10
C ASN B 143 21.92 -9.64 13.85
N GLN B 144 20.68 -9.68 14.34
CA GLN B 144 19.90 -10.89 14.17
C GLN B 144 19.72 -11.27 12.69
N PHE B 145 19.28 -10.31 11.87
CA PHE B 145 19.11 -10.59 10.44
C PHE B 145 20.42 -11.07 9.82
N ILE B 146 21.48 -10.28 9.97
CA ILE B 146 22.77 -10.66 9.39
C ILE B 146 23.19 -12.06 9.84
N ASP B 147 23.11 -12.31 11.15
CA ASP B 147 23.49 -13.61 11.70
C ASP B 147 22.64 -14.76 11.18
N SER B 148 21.37 -14.49 10.91
CA SER B 148 20.48 -15.55 10.44
C SER B 148 20.89 -16.04 9.05
N LEU B 149 21.55 -15.18 8.28
CA LEU B 149 21.97 -15.55 6.93
C LEU B 149 23.00 -16.68 6.95
N HIS B 150 23.86 -16.68 7.96
CA HIS B 150 24.85 -17.74 8.08
C HIS B 150 24.14 -19.07 8.19
N ASP B 151 23.13 -19.13 9.05
CA ASP B 151 22.37 -20.35 9.30
C ASP B 151 21.80 -20.95 8.01
N VAL B 152 21.69 -20.16 6.96
CA VAL B 152 21.13 -20.64 5.71
C VAL B 152 22.14 -20.57 4.57
N ASN B 153 23.41 -20.39 4.92
CA ASN B 153 24.49 -20.41 3.94
C ASN B 153 24.36 -19.35 2.84
N LEU B 154 23.87 -18.18 3.25
CA LEU B 154 23.64 -17.09 2.30
C LEU B 154 24.33 -15.82 2.79
N SER B 155 25.33 -15.97 3.64
CA SER B 155 26.09 -14.80 4.09
C SER B 155 26.82 -14.16 2.93
N PRO B 156 26.68 -12.85 2.77
CA PRO B 156 27.49 -12.12 1.79
C PRO B 156 28.95 -12.25 2.17
N GLU B 157 29.87 -12.01 1.24
CA GLU B 157 31.28 -11.98 1.60
C GLU B 157 31.59 -10.65 2.26
N ILE B 158 30.97 -9.59 1.76
CA ILE B 158 31.25 -8.24 2.24
C ILE B 158 29.96 -7.52 2.64
N ILE B 159 29.98 -6.93 3.83
CA ILE B 159 28.90 -6.07 4.28
C ILE B 159 29.45 -4.69 4.60
N LEU B 160 28.82 -3.66 4.04
CA LEU B 160 29.21 -2.29 4.30
C LEU B 160 28.03 -1.55 4.91
N MET B 161 28.28 -0.71 5.90
CA MET B 161 27.20 -0.02 6.58
C MET B 161 27.34 1.49 6.53
N LEU B 162 26.28 2.16 6.07
CA LEU B 162 26.15 3.59 6.27
C LEU B 162 25.92 3.75 7.78
N ASN B 163 26.35 4.87 8.35
CA ASN B 163 26.25 5.02 9.82
C ASN B 163 26.83 3.80 10.53
N HIS B 164 27.97 3.32 10.06
CA HIS B 164 28.65 2.19 10.65
C HIS B 164 28.81 2.37 12.17
N GLN B 165 28.66 1.27 12.91
CA GLN B 165 28.96 1.27 14.35
C GLN B 165 30.16 0.36 14.59
N ALA B 166 30.60 0.29 15.83
CA ALA B 166 31.73 -0.55 16.23
C ALA B 166 31.82 -1.87 15.47
N THR B 167 32.96 -2.09 14.83
CA THR B 167 33.27 -3.30 14.05
C THR B 167 32.52 -3.46 12.73
N ASP B 168 31.84 -2.42 12.26
CA ASP B 168 31.32 -2.46 10.89
C ASP B 168 32.39 -1.97 9.91
N PHE B 169 32.38 -2.50 8.69
CA PHE B 169 33.02 -1.78 7.60
C PHE B 169 32.17 -0.56 7.30
N GLY B 170 32.77 0.61 7.30
CA GLY B 170 32.06 1.83 6.99
C GLY B 170 31.93 2.06 5.50
N LEU B 171 30.71 2.26 5.04
CA LEU B 171 30.46 2.56 3.62
C LEU B 171 31.23 3.79 3.15
N LEU B 172 31.18 4.87 3.91
CA LEU B 172 31.87 6.09 3.50
C LEU B 172 33.37 5.83 3.44
N ASP B 173 33.82 4.85 4.22
CA ASP B 173 35.22 4.48 4.26
C ASP B 173 35.64 3.82 2.95
N TRP B 174 34.79 2.95 2.40
CA TRP B 174 35.14 2.27 1.13
C TRP B 174 34.91 3.19 -0.07
N ILE B 175 34.34 4.35 0.18
CA ILE B 175 34.08 5.33 -0.86
C ILE B 175 35.14 6.44 -0.91
N GLU B 176 35.67 6.82 0.25
CA GLU B 176 36.50 8.03 0.33
C GLU B 176 37.84 7.89 -0.38
N THR B 177 38.39 6.68 -0.39
CA THR B 177 39.63 6.42 -1.10
C THR B 177 39.59 5.11 -1.89
N PRO B 178 40.41 5.01 -2.95
CA PRO B 178 40.48 3.82 -3.81
C PRO B 178 41.29 2.72 -3.14
N ALA B 179 41.24 1.51 -3.70
CA ALA B 179 42.00 0.37 -3.18
C ALA B 179 43.49 0.58 -3.37
N GLU B 180 44.30 -0.12 -2.58
CA GLU B 180 45.75 -0.07 -2.75
C GLU B 180 46.15 -0.83 -4.01
N THR B 181 45.79 -2.11 -4.07
CA THR B 181 46.08 -2.97 -5.21
C THR B 181 45.18 -2.70 -6.39
N PHE B 182 45.76 -2.65 -7.59
CA PHE B 182 44.96 -2.55 -8.80
C PHE B 182 44.50 -3.92 -9.25
N VAL B 183 43.24 -4.00 -9.64
CA VAL B 183 42.65 -5.21 -10.19
C VAL B 183 41.66 -4.76 -11.25
N ASP B 184 41.73 -5.37 -12.43
CA ASP B 184 40.94 -4.88 -13.55
C ASP B 184 39.45 -5.20 -13.42
N PHE B 185 38.63 -4.27 -13.90
CA PHE B 185 37.19 -4.46 -13.89
C PHE B 185 36.58 -3.65 -15.01
N SER B 186 35.36 -4.00 -15.38
CA SER B 186 34.59 -3.22 -16.32
C SER B 186 33.10 -3.54 -16.15
N SER B 187 32.24 -2.70 -16.73
CA SER B 187 30.80 -2.94 -16.71
C SER B 187 30.45 -4.27 -17.37
N THR B 188 29.31 -4.85 -17.03
CA THR B 188 28.81 -5.97 -17.82
C THR B 188 28.53 -5.40 -19.23
N PRO B 189 28.46 -6.26 -20.24
CA PRO B 189 28.24 -5.80 -21.63
C PRO B 189 26.89 -5.08 -21.83
N ALA B 190 26.88 -4.13 -22.76
CA ALA B 190 25.73 -3.25 -22.93
C ALA B 190 24.41 -3.98 -23.21
N ASP B 191 24.47 -5.15 -23.86
CA ASP B 191 23.23 -5.89 -24.10
C ASP B 191 23.09 -7.05 -23.12
N GLU B 192 23.74 -6.93 -21.97
CA GLU B 192 23.55 -7.87 -20.88
C GLU B 192 22.97 -7.15 -19.65
N VAL B 193 22.70 -7.89 -18.58
CA VAL B 193 22.04 -7.31 -17.40
C VAL B 193 22.91 -6.32 -16.66
N ALA B 194 22.36 -5.14 -16.39
CA ALA B 194 23.08 -4.13 -15.58
C ALA B 194 22.63 -4.22 -14.11
N PHE B 195 21.31 -4.26 -13.91
CA PHE B 195 20.76 -4.35 -12.56
C PHE B 195 19.35 -4.91 -12.60
N PHE B 196 18.78 -5.23 -11.43
CA PHE B 196 17.38 -5.65 -11.38
C PHE B 196 16.50 -4.50 -10.92
N GLN B 197 15.47 -4.18 -11.71
CA GLN B 197 14.36 -3.40 -11.20
C GLN B 197 13.43 -4.34 -10.43
N LEU B 198 12.40 -3.77 -9.81
CA LEU B 198 11.40 -4.55 -9.07
C LEU B 198 10.01 -4.19 -9.53
N SER B 199 9.16 -5.20 -9.71
CA SER B 199 7.75 -4.95 -10.03
C SER B 199 7.00 -4.26 -8.88
N GLY B 200 5.98 -3.49 -9.23
CA GLY B 200 5.06 -2.92 -8.26
C GLY B 200 3.72 -3.66 -8.28
N GLY B 201 2.97 -3.54 -7.21
CA GLY B 201 1.68 -4.22 -7.10
C GLY B 201 1.79 -5.67 -6.67
N SER B 202 2.12 -6.55 -7.63
CA SER B 202 2.54 -7.95 -7.41
C SER B 202 2.09 -8.66 -6.11
N THR B 203 1.50 -9.85 -6.24
CA THR B 203 1.15 -10.66 -5.07
C THR B 203 2.37 -11.46 -4.62
N GLY B 204 2.79 -11.24 -3.39
CA GLY B 204 4.06 -11.78 -2.92
C GLY B 204 5.14 -10.70 -2.91
N THR B 205 6.39 -11.13 -2.74
CA THR B 205 7.49 -10.18 -2.79
C THR B 205 7.61 -9.66 -4.23
N PRO B 206 8.13 -8.44 -4.41
CA PRO B 206 8.30 -7.89 -5.77
C PRO B 206 9.12 -8.83 -6.65
N LYS B 207 8.69 -9.06 -7.89
CA LYS B 207 9.45 -9.89 -8.84
C LYS B 207 10.63 -9.10 -9.41
N LEU B 208 11.71 -9.79 -9.78
CA LEU B 208 12.89 -9.10 -10.28
C LEU B 208 12.88 -8.93 -11.81
N ILE B 209 13.20 -7.71 -12.24
CA ILE B 209 13.12 -7.34 -13.65
C ILE B 209 14.51 -7.01 -14.17
N PRO B 210 15.15 -7.96 -14.91
CA PRO B 210 16.45 -7.65 -15.50
C PRO B 210 16.37 -6.46 -16.45
N ARG B 211 17.28 -5.50 -16.31
CA ARG B 211 17.36 -4.34 -17.17
C ARG B 211 18.78 -4.29 -17.72
N THR B 212 18.91 -4.25 -19.04
CA THR B 212 20.23 -4.10 -19.66
C THR B 212 20.68 -2.65 -19.71
N HIS B 213 21.98 -2.43 -19.90
CA HIS B 213 22.51 -1.09 -20.08
C HIS B 213 21.82 -0.38 -21.26
N ASN B 214 21.73 -1.08 -22.39
CA ASN B 214 21.11 -0.52 -23.60
C ASN B 214 19.70 -0.02 -23.38
N ASP B 215 18.86 -0.87 -22.81
CA ASP B 215 17.44 -0.54 -22.74
C ASP B 215 17.21 0.53 -21.69
N TYR B 216 17.92 0.44 -20.57
CA TYR B 216 17.73 1.44 -19.53
C TYR B 216 18.25 2.81 -19.93
N ASP B 217 19.47 2.85 -20.46
CA ASP B 217 20.07 4.10 -20.95
C ASP B 217 19.21 4.76 -22.02
N TYR B 218 18.69 3.98 -22.96
CA TYR B 218 17.76 4.53 -23.95
C TYR B 218 16.56 5.21 -23.30
N SER B 219 15.89 4.50 -22.39
CA SER B 219 14.72 5.06 -21.76
C SER B 219 15.07 6.35 -21.03
N VAL B 220 16.28 6.40 -20.47
CA VAL B 220 16.74 7.58 -19.74
C VAL B 220 17.01 8.75 -20.68
N ARG B 221 17.74 8.51 -21.77
CA ARG B 221 18.08 9.58 -22.70
C ARG B 221 16.82 10.16 -23.34
N ALA B 222 15.95 9.28 -23.82
CA ALA B 222 14.73 9.72 -24.50
C ALA B 222 13.77 10.45 -23.54
N SER B 223 13.69 9.99 -22.30
CA SER B 223 12.88 10.66 -21.29
C SER B 223 13.41 12.06 -20.98
N ALA B 224 14.74 12.20 -20.90
CA ALA B 224 15.32 13.50 -20.58
C ALA B 224 14.91 14.51 -21.66
N GLU B 225 14.88 14.04 -22.89
CA GLU B 225 14.57 14.88 -24.04
C GLU B 225 13.10 15.29 -24.02
N ILE B 226 12.24 14.31 -23.77
CA ILE B 226 10.80 14.54 -23.67
C ILE B 226 10.45 15.55 -22.59
N CYS B 227 11.19 15.54 -21.48
CA CYS B 227 10.89 16.42 -20.35
C CYS B 227 11.69 17.74 -20.39
N GLY B 228 12.39 17.99 -21.49
CA GLY B 228 13.15 19.23 -21.65
C GLY B 228 14.21 19.46 -20.59
N LEU B 229 14.86 18.39 -20.13
CA LEU B 229 15.87 18.52 -19.09
C LEU B 229 17.09 19.22 -19.66
N ASN B 230 17.76 20.03 -18.84
CA ASN B 230 18.98 20.67 -19.28
C ASN B 230 19.91 20.88 -18.09
N SER B 231 21.02 21.59 -18.28
CA SER B 231 22.02 21.73 -17.21
C SER B 231 21.52 22.61 -16.08
N ASN B 232 20.41 23.30 -16.31
CA ASN B 232 19.82 24.15 -15.28
C ASN B 232 18.75 23.43 -14.48
N THR B 233 18.42 22.22 -14.88
CA THR B 233 17.44 21.42 -14.15
C THR B 233 17.95 21.05 -12.76
N ARG B 234 17.08 21.24 -11.77
CA ARG B 234 17.34 20.82 -10.40
C ARG B 234 16.12 20.05 -9.92
N LEU B 235 16.27 18.72 -9.85
CA LEU B 235 15.16 17.82 -9.65
C LEU B 235 15.11 17.34 -8.21
N LEU B 236 13.96 17.54 -7.58
CA LEU B 236 13.75 17.01 -6.24
C LEU B 236 13.57 15.51 -6.29
N CYS B 237 14.37 14.79 -5.52
CA CYS B 237 14.24 13.35 -5.39
CA CYS B 237 14.23 13.35 -5.41
C CYS B 237 13.59 12.98 -4.05
N ALA B 238 12.27 13.08 -3.99
CA ALA B 238 11.53 12.86 -2.74
C ALA B 238 10.80 11.52 -2.71
N LEU B 239 10.60 10.94 -3.89
CA LEU B 239 10.12 9.57 -3.99
C LEU B 239 11.32 8.66 -3.73
N PRO B 240 11.09 7.38 -3.40
CA PRO B 240 12.25 6.49 -3.17
C PRO B 240 13.26 6.46 -4.34
N ALA B 241 14.52 6.73 -4.05
CA ALA B 241 15.58 6.74 -5.08
C ALA B 241 15.59 5.51 -6.04
N PRO B 242 15.37 4.29 -5.52
CA PRO B 242 15.40 3.10 -6.39
C PRO B 242 14.22 2.99 -7.34
N HIS B 243 13.12 3.69 -7.07
CA HIS B 243 11.91 3.43 -7.86
C HIS B 243 12.09 3.85 -9.30
N ASN B 244 11.61 3.02 -10.22
CA ASN B 244 11.77 3.27 -11.65
C ASN B 244 11.40 4.71 -12.04
N PHE B 245 10.32 5.22 -11.44
CA PHE B 245 9.83 6.58 -11.69
C PHE B 245 10.90 7.60 -11.34
N MET B 246 11.40 7.51 -10.11
CA MET B 246 12.35 8.47 -9.55
C MET B 246 13.79 8.27 -10.08
N LEU B 247 14.06 7.10 -10.66
CA LEU B 247 15.40 6.78 -11.14
C LEU B 247 15.55 7.13 -12.62
N SER B 248 14.49 6.92 -13.41
CA SER B 248 14.68 6.92 -14.86
C SER B 248 13.61 7.62 -15.68
N SER B 249 12.57 8.17 -15.05
CA SER B 249 11.45 8.67 -15.84
C SER B 249 11.03 10.11 -15.56
N PRO B 250 11.93 11.10 -15.78
CA PRO B 250 13.31 10.95 -16.26
C PRO B 250 14.25 10.68 -15.10
N GLY B 251 13.81 11.04 -13.90
CA GLY B 251 14.52 10.66 -12.68
C GLY B 251 15.92 11.21 -12.52
N ALA B 252 16.62 10.70 -11.52
CA ALA B 252 17.98 11.13 -11.27
C ALA B 252 18.91 10.86 -12.46
N LEU B 253 18.71 9.74 -13.13
CA LEU B 253 19.58 9.37 -14.25
C LEU B 253 19.39 10.32 -15.44
N GLY B 254 18.13 10.70 -15.70
CA GLY B 254 17.83 11.64 -16.76
C GLY B 254 18.44 13.00 -16.50
N VAL B 255 18.34 13.48 -15.25
CA VAL B 255 18.93 14.76 -14.87
C VAL B 255 20.45 14.74 -15.04
N LEU B 256 21.09 13.67 -14.58
CA LEU B 256 22.53 13.53 -14.74
C LEU B 256 22.88 13.45 -16.23
N HIS B 257 22.03 12.77 -17.01
CA HIS B 257 22.24 12.67 -18.46
C HIS B 257 22.27 14.06 -19.06
N ALA B 258 21.44 14.96 -18.52
CA ALA B 258 21.29 16.29 -19.07
C ALA B 258 22.25 17.29 -18.44
N GLY B 259 23.10 16.82 -17.54
CA GLY B 259 24.05 17.68 -16.87
C GLY B 259 23.43 18.56 -15.80
N GLY B 260 22.22 18.20 -15.35
CA GLY B 260 21.58 18.93 -14.28
C GLY B 260 21.99 18.45 -12.90
N CYS B 261 21.18 18.78 -11.90
CA CYS B 261 21.51 18.45 -10.52
C CYS B 261 20.30 17.81 -9.80
N VAL B 262 20.60 16.78 -9.01
CA VAL B 262 19.60 16.06 -8.24
C VAL B 262 19.62 16.59 -6.80
N VAL B 263 18.45 16.90 -6.25
CA VAL B 263 18.36 17.42 -4.88
C VAL B 263 17.56 16.44 -4.01
N MET B 264 18.23 15.86 -3.01
CA MET B 264 17.63 14.80 -2.20
C MET B 264 16.65 15.33 -1.14
N ALA B 265 15.60 14.55 -0.90
CA ALA B 265 14.75 14.73 0.26
C ALA B 265 14.41 13.34 0.79
N PRO B 266 14.19 13.24 2.09
CA PRO B 266 13.95 11.95 2.75
C PRO B 266 12.63 11.29 2.33
N ASN B 267 11.61 12.10 2.07
CA ASN B 267 10.28 11.63 1.67
C ASN B 267 9.53 12.83 1.13
N PRO B 268 8.24 12.65 0.75
CA PRO B 268 7.46 13.78 0.21
C PRO B 268 6.72 14.66 1.24
N GLU B 269 6.97 14.52 2.55
CA GLU B 269 6.32 15.40 3.54
C GLU B 269 6.42 16.85 3.09
N PRO B 270 5.27 17.53 2.99
CA PRO B 270 5.22 18.84 2.35
C PRO B 270 6.15 19.84 3.00
N LEU B 271 6.07 20.01 4.32
CA LEU B 271 6.81 21.10 4.94
C LEU B 271 8.29 20.95 4.71
N ASN B 272 8.83 19.76 4.98
CA ASN B 272 10.25 19.55 4.77
C ASN B 272 10.68 19.79 3.30
N CYS B 273 9.98 19.13 2.38
CA CYS B 273 10.23 19.32 0.95
C CYS B 273 10.19 20.79 0.56
N PHE B 274 9.20 21.50 1.08
CA PHE B 274 9.00 22.91 0.73
C PHE B 274 10.27 23.70 1.00
N SER B 275 10.87 23.48 2.16
CA SER B 275 12.04 24.26 2.54
C SER B 275 13.28 23.85 1.75
N ILE B 276 13.36 22.56 1.42
CA ILE B 276 14.43 22.08 0.55
C ILE B 276 14.28 22.72 -0.83
N ILE B 277 13.06 22.74 -1.35
CA ILE B 277 12.80 23.35 -2.64
C ILE B 277 13.23 24.81 -2.66
N GLN B 278 12.92 25.54 -1.59
CA GLN B 278 13.30 26.95 -1.48
C GLN B 278 14.82 27.08 -1.35
N ARG B 279 15.41 26.32 -0.45
CA ARG B 279 16.84 26.47 -0.19
C ARG B 279 17.67 26.32 -1.46
N HIS B 280 17.39 25.29 -2.25
CA HIS B 280 18.27 24.94 -3.37
C HIS B 280 17.66 25.28 -4.72
N GLN B 281 16.57 26.04 -4.69
CA GLN B 281 15.93 26.51 -5.90
C GLN B 281 15.57 25.38 -6.88
N VAL B 282 14.94 24.33 -6.36
CA VAL B 282 14.44 23.23 -7.17
C VAL B 282 13.43 23.71 -8.20
N ASN B 283 13.58 23.31 -9.45
CA ASN B 283 12.59 23.69 -10.47
C ASN B 283 11.80 22.53 -11.08
N MET B 284 12.10 21.31 -10.66
CA MET B 284 11.32 20.14 -11.08
C MET B 284 11.12 19.15 -9.93
N ALA B 285 9.96 18.49 -9.89
CA ALA B 285 9.73 17.46 -8.89
C ALA B 285 8.85 16.36 -9.45
N SER B 286 8.81 15.22 -8.77
CA SER B 286 8.02 14.08 -9.22
C SER B 286 7.30 13.44 -8.06
N LEU B 287 6.00 13.24 -8.22
CA LEU B 287 5.20 12.75 -7.10
C LEU B 287 4.13 11.77 -7.54
N VAL B 288 3.55 11.12 -6.54
CA VAL B 288 2.34 10.32 -6.70
C VAL B 288 1.14 11.11 -6.15
N PRO B 289 -0.07 10.80 -6.62
CA PRO B 289 -1.25 11.61 -6.26
C PRO B 289 -1.41 11.87 -4.76
N SER B 290 -1.14 10.87 -3.93
CA SER B 290 -1.32 11.06 -2.50
C SER B 290 -0.41 12.17 -1.97
N ALA B 291 0.82 12.23 -2.48
CA ALA B 291 1.75 13.29 -2.06
C ALA B 291 1.33 14.66 -2.60
N VAL B 292 0.84 14.67 -3.85
CA VAL B 292 0.36 15.92 -4.45
C VAL B 292 -0.73 16.55 -3.57
N ILE B 293 -1.65 15.72 -3.10
CA ILE B 293 -2.73 16.18 -2.23
C ILE B 293 -2.16 16.83 -0.97
N MET B 294 -1.24 16.16 -0.30
CA MET B 294 -0.53 16.75 0.83
C MET B 294 0.03 18.14 0.50
N TRP B 295 0.65 18.27 -0.67
CA TRP B 295 1.29 19.52 -1.06
C TRP B 295 0.26 20.61 -1.31
N LEU B 296 -0.84 20.25 -1.97
CA LEU B 296 -1.92 21.19 -2.22
C LEU B 296 -2.52 21.71 -0.90
N GLU B 297 -2.60 20.84 0.11
CA GLU B 297 -3.17 21.23 1.39
CA GLU B 297 -3.17 21.23 1.39
C GLU B 297 -2.34 22.31 2.06
N LYS B 298 -1.03 22.25 1.88
CA LYS B 298 -0.13 23.21 2.52
C LYS B 298 0.25 24.38 1.61
N ALA B 299 0.01 24.23 0.32
CA ALA B 299 0.58 25.15 -0.67
C ALA B 299 0.17 26.61 -0.43
N ALA B 300 -1.01 26.80 0.16
CA ALA B 300 -1.57 28.14 0.37
C ALA B 300 -0.70 29.01 1.27
N GLN B 301 -0.31 28.49 2.43
CA GLN B 301 0.53 29.22 3.36
C GLN B 301 1.99 29.35 2.91
N TYR B 302 2.39 28.56 1.91
CA TYR B 302 3.80 28.49 1.53
C TYR B 302 4.08 28.67 0.05
N LYS B 303 3.20 29.38 -0.65
CA LYS B 303 3.39 29.62 -2.07
C LYS B 303 4.84 30.04 -2.37
N ASP B 304 5.41 30.88 -1.51
CA ASP B 304 6.74 31.42 -1.79
C ASP B 304 7.85 30.38 -1.74
N GLN B 305 7.73 29.41 -0.86
CA GLN B 305 8.78 28.41 -0.69
C GLN B 305 8.94 27.52 -1.93
N ILE B 306 7.89 27.41 -2.72
CA ILE B 306 7.92 26.54 -3.89
C ILE B 306 7.79 27.34 -5.19
N GLN B 307 8.01 28.64 -5.13
CA GLN B 307 7.81 29.45 -6.33
C GLN B 307 8.76 29.02 -7.46
N SER B 308 9.91 28.46 -7.11
CA SER B 308 10.88 28.06 -8.14
C SER B 308 10.49 26.82 -8.99
N LEU B 309 9.54 26.02 -8.51
CA LEU B 309 9.07 24.88 -9.30
C LEU B 309 8.58 25.32 -10.68
N LYS B 310 9.09 24.70 -11.74
CA LYS B 310 8.56 24.96 -13.08
C LYS B 310 7.76 23.77 -13.63
N LEU B 311 8.10 22.57 -13.18
CA LEU B 311 7.45 21.38 -13.71
C LEU B 311 7.28 20.33 -12.61
N LEU B 312 6.08 19.76 -12.54
CA LEU B 312 5.80 18.66 -11.62
C LEU B 312 5.29 17.47 -12.41
N GLN B 313 5.97 16.33 -12.30
CA GLN B 313 5.43 15.09 -12.86
C GLN B 313 4.53 14.43 -11.83
N VAL B 314 3.42 13.89 -12.29
CA VAL B 314 2.57 13.10 -11.41
C VAL B 314 2.29 11.76 -12.05
N GLY B 315 2.60 10.70 -11.33
CA GLY B 315 2.25 9.37 -11.78
C GLY B 315 1.78 8.48 -10.65
N GLY B 316 0.96 7.50 -10.99
CA GLY B 316 0.64 6.48 -10.01
C GLY B 316 -0.82 6.08 -9.98
N ALA B 317 -1.36 6.05 -8.76
CA ALA B 317 -2.77 5.76 -8.47
C ALA B 317 -3.76 6.27 -9.51
N SER B 318 -4.59 7.20 -9.05
CA SER B 318 -5.56 7.84 -9.92
C SER B 318 -5.35 9.32 -9.76
N PHE B 319 -5.48 10.05 -10.86
CA PHE B 319 -5.26 11.49 -10.83
C PHE B 319 -6.36 12.16 -11.65
N PRO B 320 -7.53 12.35 -11.02
CA PRO B 320 -8.73 12.93 -11.64
C PRO B 320 -8.46 14.32 -12.19
N GLU B 321 -9.12 14.68 -13.30
CA GLU B 321 -8.95 16.00 -13.90
C GLU B 321 -9.06 17.15 -12.89
N SER B 322 -10.00 17.03 -11.95
CA SER B 322 -10.27 18.08 -10.97
C SER B 322 -9.09 18.28 -10.03
N LEU B 323 -8.37 17.20 -9.76
CA LEU B 323 -7.19 17.31 -8.93
C LEU B 323 -6.02 17.83 -9.79
N ALA B 324 -5.94 17.32 -11.01
CA ALA B 324 -4.91 17.73 -11.98
C ALA B 324 -4.91 19.24 -12.23
N ARG B 325 -6.10 19.81 -12.45
CA ARG B 325 -6.18 21.23 -12.81
C ARG B 325 -5.72 22.16 -11.69
N GLN B 326 -5.65 21.63 -10.46
CA GLN B 326 -5.19 22.41 -9.32
C GLN B 326 -3.68 22.59 -9.28
N VAL B 327 -2.95 21.80 -10.07
CA VAL B 327 -1.49 21.87 -10.02
C VAL B 327 -0.94 23.21 -10.47
N PRO B 328 -1.33 23.66 -11.68
CA PRO B 328 -0.86 24.97 -12.15
C PRO B 328 -1.48 26.09 -11.32
N GLU B 329 -2.73 25.90 -10.90
CA GLU B 329 -3.42 26.92 -10.11
C GLU B 329 -2.78 27.14 -8.75
N VAL B 330 -2.55 26.04 -8.02
CA VAL B 330 -2.14 26.14 -6.62
C VAL B 330 -0.64 26.00 -6.41
N LEU B 331 0.00 25.16 -7.22
CA LEU B 331 1.42 24.89 -7.02
C LEU B 331 2.24 25.83 -7.89
N ASN B 332 1.54 26.52 -8.79
CA ASN B 332 2.18 27.49 -9.69
C ASN B 332 3.28 26.89 -10.54
N CYS B 333 2.99 25.76 -11.17
CA CYS B 333 3.97 25.13 -12.05
C CYS B 333 3.25 24.30 -13.09
N LYS B 334 3.95 23.95 -14.16
CA LYS B 334 3.34 23.14 -15.19
C LYS B 334 3.20 21.69 -14.74
N LEU B 335 2.21 21.00 -15.31
CA LEU B 335 1.96 19.61 -14.95
C LEU B 335 2.41 18.67 -16.06
N GLN B 336 2.98 17.53 -15.68
CA GLN B 336 3.17 16.45 -16.64
C GLN B 336 2.66 15.16 -16.03
N GLN B 337 1.81 14.44 -16.77
CA GLN B 337 1.28 13.17 -16.26
C GLN B 337 2.14 12.04 -16.81
N VAL B 338 2.43 11.06 -15.97
CA VAL B 338 3.31 9.95 -16.33
C VAL B 338 2.63 8.65 -15.96
N PHE B 339 2.51 7.73 -16.90
CA PHE B 339 2.05 6.39 -16.58
C PHE B 339 3.07 5.36 -17.09
N GLY B 340 3.71 4.67 -16.16
CA GLY B 340 4.74 3.71 -16.51
C GLY B 340 4.76 2.47 -15.64
N MET B 341 5.73 1.60 -15.90
CA MET B 341 5.91 0.38 -15.12
C MET B 341 7.41 0.06 -15.09
N ALA B 342 7.88 -0.52 -13.98
CA ALA B 342 9.28 -0.93 -13.86
C ALA B 342 9.65 -1.97 -14.91
N GLU B 343 8.64 -2.65 -15.46
CA GLU B 343 8.82 -3.66 -16.49
C GLU B 343 9.26 -3.07 -17.85
N GLY B 344 8.99 -1.79 -18.07
CA GLY B 344 9.35 -1.15 -19.32
C GLY B 344 8.59 0.12 -19.65
N LEU B 345 7.62 0.00 -20.56
CA LEU B 345 6.82 1.11 -21.07
C LEU B 345 6.59 2.27 -20.11
N VAL B 346 6.98 3.47 -20.54
CA VAL B 346 6.59 4.70 -19.82
C VAL B 346 5.90 5.68 -20.75
N ASN B 347 4.75 6.20 -20.33
CA ASN B 347 4.03 7.23 -21.09
C ASN B 347 4.15 8.59 -20.41
N TYR B 348 4.32 9.63 -21.22
CA TYR B 348 4.31 11.02 -20.73
C TYR B 348 3.32 11.84 -21.51
N THR B 349 2.64 12.78 -20.85
CA THR B 349 2.05 13.90 -21.59
C THR B 349 3.22 14.75 -22.05
N ARG B 350 3.15 15.27 -23.28
CA ARG B 350 4.22 16.12 -23.78
C ARG B 350 4.06 17.56 -23.28
N LEU B 351 5.16 18.29 -23.22
CA LEU B 351 5.15 19.64 -22.67
C LEU B 351 4.32 20.61 -23.49
N ASP B 352 4.05 20.26 -24.73
CA ASP B 352 3.23 21.10 -25.59
C ASP B 352 1.90 20.42 -25.94
N ASP B 353 1.42 19.55 -25.05
CA ASP B 353 0.11 18.94 -25.23
C ASP B 353 -0.96 19.98 -24.89
N SER B 354 -2.18 19.75 -25.35
CA SER B 354 -3.30 20.62 -25.04
C SER B 354 -3.67 20.49 -23.59
N ASP B 355 -4.41 21.45 -23.06
CA ASP B 355 -4.89 21.37 -21.69
C ASP B 355 -5.68 20.08 -21.48
N GLU B 356 -6.54 19.74 -22.44
CA GLU B 356 -7.35 18.53 -22.31
C GLU B 356 -6.46 17.28 -22.16
N GLN B 357 -5.44 17.17 -23.00
CA GLN B 357 -4.49 16.06 -22.93
C GLN B 357 -3.78 16.01 -21.59
N ILE B 358 -3.26 17.16 -21.16
CA ILE B 358 -2.49 17.22 -19.93
C ILE B 358 -3.33 16.96 -18.69
N PHE B 359 -4.58 17.41 -18.68
CA PHE B 359 -5.40 17.27 -17.48
C PHE B 359 -6.25 16.02 -17.44
N THR B 360 -6.42 15.35 -18.58
CA THR B 360 -7.31 14.19 -18.62
C THR B 360 -6.71 12.90 -19.17
N THR B 361 -5.44 12.93 -19.56
CA THR B 361 -4.78 11.71 -20.05
C THR B 361 -3.47 11.45 -19.34
N GLN B 362 -2.95 10.23 -19.49
CA GLN B 362 -1.65 9.89 -18.93
C GLN B 362 -0.57 9.81 -20.02
N GLY B 363 -0.79 10.57 -21.09
CA GLY B 363 0.21 10.75 -22.13
C GLY B 363 0.34 9.61 -23.13
N ARG B 364 1.52 9.52 -23.74
CA ARG B 364 1.77 8.52 -24.77
C ARG B 364 3.21 8.01 -24.65
N PRO B 365 3.49 6.87 -25.32
CA PRO B 365 4.77 6.16 -25.12
C PRO B 365 6.02 6.98 -25.44
N ILE B 366 7.12 6.64 -24.77
CA ILE B 366 8.41 7.25 -25.06
C ILE B 366 8.79 7.06 -26.53
N SER B 367 8.53 5.88 -27.07
CA SER B 367 9.13 5.53 -28.35
C SER B 367 8.11 5.27 -29.44
N SER B 368 8.44 5.67 -30.67
CA SER B 368 7.60 5.37 -31.82
C SER B 368 7.57 3.86 -32.00
N ASP B 369 8.55 3.18 -31.40
CA ASP B 369 8.60 1.73 -31.51
C ASP B 369 8.10 1.01 -30.26
N ASP B 370 7.48 1.76 -29.36
CA ASP B 370 6.67 1.14 -28.31
C ASP B 370 5.40 0.65 -28.98
N GLU B 371 5.21 -0.65 -29.01
CA GLU B 371 4.04 -1.23 -29.65
C GLU B 371 3.01 -1.55 -28.59
N ILE B 372 1.76 -1.21 -28.88
CA ILE B 372 0.65 -1.29 -27.94
C ILE B 372 -0.50 -2.09 -28.56
N LYS B 373 -0.98 -3.09 -27.83
CA LYS B 373 -2.27 -3.69 -28.13
C LYS B 373 -3.20 -3.44 -26.96
N ILE B 374 -4.43 -3.05 -27.27
CA ILE B 374 -5.49 -2.89 -26.28
C ILE B 374 -6.58 -3.92 -26.62
N VAL B 375 -6.73 -4.92 -25.75
CA VAL B 375 -7.49 -6.12 -26.13
C VAL B 375 -8.58 -6.52 -25.15
N ASP B 376 -9.53 -7.31 -25.63
CA ASP B 376 -10.69 -7.72 -24.85
C ASP B 376 -10.49 -9.09 -24.20
N GLU B 377 -11.57 -9.63 -23.64
CA GLU B 377 -11.58 -10.94 -22.98
C GLU B 377 -10.96 -12.04 -23.82
N GLN B 378 -11.09 -11.92 -25.14
CA GLN B 378 -10.61 -12.96 -26.04
C GLN B 378 -9.29 -12.55 -26.69
N TYR B 379 -8.66 -11.53 -26.11
CA TYR B 379 -7.38 -11.03 -26.60
C TYR B 379 -7.45 -10.53 -28.04
N ARG B 380 -8.64 -10.10 -28.44
CA ARG B 380 -8.84 -9.42 -29.71
C ARG B 380 -8.79 -7.91 -29.48
N GLU B 381 -8.15 -7.20 -30.39
CA GLU B 381 -8.00 -5.75 -30.20
C GLU B 381 -9.35 -5.06 -30.26
N VAL B 382 -9.58 -4.15 -29.33
CA VAL B 382 -10.85 -3.47 -29.22
C VAL B 382 -11.01 -2.43 -30.32
N PRO B 383 -12.26 -2.06 -30.62
CA PRO B 383 -12.50 -0.90 -31.50
C PRO B 383 -11.78 0.30 -30.92
N GLU B 384 -11.13 1.08 -31.77
CA GLU B 384 -10.42 2.26 -31.32
C GLU B 384 -11.26 3.03 -30.31
N GLY B 385 -10.64 3.39 -29.18
CA GLY B 385 -11.28 4.24 -28.19
C GLY B 385 -12.02 3.52 -27.08
N GLU B 386 -12.25 2.22 -27.25
CA GLU B 386 -12.85 1.40 -26.19
C GLU B 386 -11.82 1.00 -25.15
N ILE B 387 -12.30 0.60 -23.97
CA ILE B 387 -11.45 0.16 -22.88
C ILE B 387 -11.03 -1.28 -23.08
N GLY B 388 -9.75 -1.56 -22.88
CA GLY B 388 -9.22 -2.92 -22.96
C GLY B 388 -7.98 -3.14 -22.10
N MET B 389 -7.50 -4.37 -22.10
CA MET B 389 -6.29 -4.73 -21.38
C MET B 389 -5.05 -4.33 -22.15
N LEU B 390 -4.11 -3.68 -21.45
CA LEU B 390 -2.87 -3.23 -22.07
C LEU B 390 -1.90 -4.39 -22.32
N ALA B 391 -1.40 -4.49 -23.55
CA ALA B 391 -0.31 -5.40 -23.88
C ALA B 391 0.72 -4.58 -24.65
N THR B 392 2.01 -4.76 -24.35
CA THR B 392 3.03 -3.90 -24.95
C THR B 392 4.38 -4.61 -25.09
N ARG B 393 5.16 -4.18 -26.07
CA ARG B 393 6.59 -4.52 -26.18
C ARG B 393 7.28 -3.36 -26.86
N GLY B 394 8.58 -3.25 -26.64
CA GLY B 394 9.35 -2.17 -27.24
C GLY B 394 10.83 -2.26 -26.90
N PRO B 395 11.57 -1.19 -27.19
CA PRO B 395 13.03 -1.12 -27.06
C PRO B 395 13.53 -1.08 -25.61
N TYR B 396 12.65 -0.84 -24.64
CA TYR B 396 13.10 -0.83 -23.23
C TYR B 396 12.14 -1.61 -22.31
N THR B 397 11.32 -2.46 -22.92
CA THR B 397 10.40 -3.30 -22.17
C THR B 397 10.97 -4.72 -22.09
N PHE B 398 11.04 -5.26 -20.88
CA PHE B 398 11.69 -6.55 -20.63
C PHE B 398 11.02 -7.72 -21.33
N CYS B 399 11.72 -8.85 -21.39
CA CYS B 399 11.16 -10.03 -22.03
C CYS B 399 10.82 -11.15 -21.04
N GLY B 400 10.95 -10.88 -19.75
CA GLY B 400 10.54 -11.83 -18.74
C GLY B 400 11.21 -11.57 -17.41
N TYR B 401 10.56 -11.97 -16.33
CA TYR B 401 11.14 -11.81 -15.00
C TYR B 401 12.29 -12.78 -14.78
N TYR B 402 13.20 -12.41 -13.89
CA TYR B 402 14.33 -13.26 -13.55
C TYR B 402 13.86 -14.61 -13.03
N GLN B 403 14.35 -15.68 -13.65
CA GLN B 403 14.14 -17.03 -13.18
C GLN B 403 12.70 -17.34 -12.87
N SER B 404 11.80 -16.93 -13.75
CA SER B 404 10.37 -17.11 -13.50
C SER B 404 9.62 -17.57 -14.74
N PRO B 405 9.99 -18.73 -15.28
CA PRO B 405 9.43 -19.28 -16.53
C PRO B 405 7.92 -19.47 -16.44
N GLU B 406 7.40 -19.95 -15.32
CA GLU B 406 5.97 -20.19 -15.20
C GLU B 406 5.18 -18.89 -15.25
N HIS B 407 5.55 -17.93 -14.40
CA HIS B 407 4.85 -16.66 -14.42
C HIS B 407 5.00 -15.98 -15.79
N ASN B 408 6.21 -15.99 -16.35
CA ASN B 408 6.47 -15.38 -17.65
C ASN B 408 5.51 -15.89 -18.73
N SER B 409 5.24 -17.19 -18.74
CA SER B 409 4.37 -17.78 -19.74
C SER B 409 2.93 -17.31 -19.59
N GLN B 410 2.60 -16.77 -18.43
CA GLN B 410 1.25 -16.28 -18.20
C GLN B 410 1.08 -14.79 -18.51
N VAL B 411 2.18 -14.05 -18.61
CA VAL B 411 2.06 -12.61 -18.82
C VAL B 411 2.59 -12.13 -20.19
N PHE B 412 3.12 -13.06 -20.99
CA PHE B 412 3.61 -12.76 -22.34
C PHE B 412 2.87 -13.62 -23.35
N ASP B 413 2.44 -13.04 -24.47
CA ASP B 413 1.81 -13.84 -25.52
C ASP B 413 2.88 -14.35 -26.47
N GLU B 414 2.47 -15.10 -27.48
CA GLU B 414 3.41 -15.73 -28.41
C GLU B 414 4.25 -14.68 -29.11
N ASP B 415 3.69 -13.49 -29.29
CA ASP B 415 4.42 -12.40 -29.92
C ASP B 415 5.30 -11.63 -28.93
N ASN B 416 5.37 -12.11 -27.69
CA ASN B 416 6.21 -11.49 -26.67
C ASN B 416 5.76 -10.08 -26.26
N TYR B 417 4.47 -9.81 -26.40
CA TYR B 417 3.88 -8.64 -25.77
C TYR B 417 3.72 -8.95 -24.30
N TYR B 418 3.98 -7.94 -23.45
CA TYR B 418 3.75 -8.04 -22.01
C TYR B 418 2.37 -7.51 -21.63
N TYR B 419 1.62 -8.32 -20.89
CA TYR B 419 0.30 -7.91 -20.38
C TYR B 419 0.43 -7.35 -18.96
N SER B 420 0.32 -6.04 -18.85
CA SER B 420 0.66 -5.33 -17.63
C SER B 420 -0.44 -5.38 -16.57
N GLY B 421 -1.63 -5.83 -16.97
CA GLY B 421 -2.76 -5.83 -16.08
C GLY B 421 -3.46 -4.48 -15.91
N ASP B 422 -3.13 -3.52 -16.77
CA ASP B 422 -3.80 -2.23 -16.77
C ASP B 422 -4.93 -2.20 -17.79
N LEU B 423 -6.01 -1.51 -17.42
CA LEU B 423 -7.10 -1.24 -18.36
C LEU B 423 -6.95 0.20 -18.83
N VAL B 424 -6.96 0.39 -20.14
CA VAL B 424 -6.65 1.67 -20.75
C VAL B 424 -7.55 1.87 -21.96
N GLN B 425 -7.59 3.10 -22.45
CA GLN B 425 -8.26 3.39 -23.72
C GLN B 425 -7.46 4.46 -24.44
N ARG B 426 -7.33 4.33 -25.76
CA ARG B 426 -6.64 5.33 -26.57
CA ARG B 426 -6.64 5.37 -26.51
C ARG B 426 -7.58 6.51 -26.83
N THR B 427 -7.17 7.71 -26.47
CA THR B 427 -7.99 8.90 -26.69
C THR B 427 -7.79 9.42 -28.12
N PRO B 428 -8.75 10.23 -28.60
CA PRO B 428 -8.73 10.77 -29.97
C PRO B 428 -7.40 11.42 -30.31
N ASP B 429 -6.89 12.23 -29.38
CA ASP B 429 -5.64 12.95 -29.56
C ASP B 429 -4.39 12.07 -29.68
N GLY B 430 -4.54 10.75 -29.48
CA GLY B 430 -3.39 9.85 -29.55
C GLY B 430 -2.84 9.38 -28.20
N ASN B 431 -3.25 10.02 -27.11
CA ASN B 431 -2.77 9.65 -25.78
C ASN B 431 -3.49 8.43 -25.18
N LEU B 432 -3.10 8.07 -23.97
CA LEU B 432 -3.72 6.97 -23.24
C LEU B 432 -4.36 7.48 -21.96
N ARG B 433 -5.48 6.88 -21.61
CA ARG B 433 -6.11 7.14 -20.32
C ARG B 433 -6.15 5.79 -19.60
N VAL B 434 -5.50 5.73 -18.45
CA VAL B 434 -5.56 4.53 -17.63
C VAL B 434 -6.87 4.54 -16.88
N VAL B 435 -7.69 3.49 -17.00
CA VAL B 435 -8.99 3.51 -16.32
C VAL B 435 -9.22 2.48 -15.22
N GLY B 436 -8.28 1.56 -15.06
CA GLY B 436 -8.45 0.53 -14.05
C GLY B 436 -7.40 -0.55 -14.13
N ARG B 437 -7.65 -1.65 -13.44
CA ARG B 437 -6.70 -2.72 -13.38
C ARG B 437 -7.46 -4.02 -13.47
N ILE B 438 -6.78 -5.06 -13.96
CA ILE B 438 -7.38 -6.36 -14.13
C ILE B 438 -6.37 -7.43 -13.75
N LYS B 439 -6.84 -8.52 -13.15
CA LYS B 439 -5.96 -9.58 -12.65
C LYS B 439 -5.30 -10.38 -13.78
N ASP B 440 -4.16 -10.99 -13.47
CA ASP B 440 -3.40 -11.78 -14.45
C ASP B 440 -4.17 -13.01 -14.94
N GLN B 441 -3.72 -13.58 -16.06
CA GLN B 441 -4.34 -14.78 -16.61
C GLN B 441 -3.70 -16.06 -16.05
C1 H89 C . -15.11 -7.15 4.83
C2 H89 C . -14.28 -8.12 4.25
C3 H89 C . -13.28 -7.71 3.37
C4 H89 C . -13.16 -6.36 3.08
C5 H89 C . -14.01 -5.43 3.70
N6 H89 C . -14.97 -5.84 4.54
C7 H89 C . -12.34 -8.71 2.68
N8 H89 C . -11.73 -7.93 1.61
C9 H89 C . -10.66 -7.14 1.60
C10 H89 C . -10.63 -6.61 0.33
C11 H89 C . -11.73 -7.09 -0.45
N12 H89 C . -12.41 -7.92 0.38
N13 H89 C . -9.75 -6.84 2.55
C14 H89 C . -8.74 -6.01 2.26
C15 H89 C . -8.64 -5.43 1.00
C16 H89 C . -9.59 -5.73 0.02
C18 H89 C . -9.46 -5.11 -1.35
O19 H89 C . -10.30 -5.36 -2.25
O20 H89 C . -8.51 -4.33 -1.55
C21 H89 C . -7.78 -5.70 3.34
C22 H89 C . -8.13 -6.03 4.64
C23 H89 C . -7.28 -5.77 5.69
C24 H89 C . -6.05 -5.17 5.45
C25 H89 C . -5.68 -4.84 4.14
C26 H89 C . -6.55 -5.10 3.07
O27 H89 C . -5.21 -4.91 6.49
C28 H89 C . -2.81 -5.23 6.53
C29 H89 C . -2.44 -6.40 5.88
C30 H89 C . -1.38 -7.16 6.36
C31 H89 C . -0.68 -6.74 7.49
C32 H89 C . -1.04 -5.56 8.15
C33 H89 C . -2.10 -4.80 7.66
C34 H89 C . -3.96 -4.40 6.00
CA CA D . -9.23 -11.75 33.84
CA CA E . -6.00 -28.05 11.19
CA CA F . -1.62 -31.24 4.59
CA CA G . -13.71 -0.17 -3.48
C1 MPD H . -13.37 -22.95 14.01
C2 MPD H . -14.79 -22.40 14.11
O2 MPD H . -15.14 -22.22 15.51
CM MPD H . -14.82 -21.07 13.35
C3 MPD H . -15.81 -23.35 13.49
C4 MPD H . -15.57 -23.41 11.98
O4 MPD H . -14.63 -24.42 11.70
C5 MPD H . -16.85 -23.66 11.20
C1 H89 I . 8.04 5.01 -14.45
C2 H89 I . 6.98 5.85 -14.09
C3 H89 I . 5.93 5.41 -13.28
C4 H89 I . 5.97 4.07 -12.85
C5 H89 I . 7.07 3.26 -13.23
N6 H89 I . 8.07 3.73 -14.02
C7 H89 I . 4.74 6.31 -12.89
N8 H89 I . 3.74 5.42 -12.31
C9 H89 I . 3.60 4.94 -11.08
C10 H89 I . 2.51 4.10 -11.15
C11 H89 I . 1.98 4.08 -12.48
N12 H89 I . 2.78 4.92 -13.18
N13 H89 I . 4.29 5.14 -9.94
C14 H89 I . 3.92 4.52 -8.82
C15 H89 I . 2.83 3.65 -8.81
C16 H89 I . 2.11 3.45 -9.99
C18 H89 I . 0.92 2.53 -10.00
O19 H89 I . 0.29 2.36 -11.06
O20 H89 I . 0.58 1.95 -8.95
C21 H89 I . 4.73 4.76 -7.60
C22 H89 I . 5.90 5.50 -7.71
C23 H89 I . 6.68 5.72 -6.58
C24 H89 I . 6.28 5.18 -5.35
C25 H89 I . 5.10 4.44 -5.26
C26 H89 I . 4.33 4.22 -6.39
O27 H89 I . 7.03 5.38 -4.22
C28 H89 I . 6.31 6.18 -2.06
C29 H89 I . 5.38 7.22 -2.11
C30 H89 I . 5.46 8.24 -1.18
C31 H89 I . 6.46 8.25 -0.20
C32 H89 I . 7.41 7.22 -0.16
C33 H89 I . 7.31 6.19 -1.09
C34 H89 I . 6.23 5.05 -3.07
CA CA J . 1.20 -3.83 -13.51
CA CA K . 6.66 28.47 -10.28
C1 MRD L . 12.40 22.61 -15.28
C2 MRD L . 13.20 21.96 -16.40
O2 MRD L . 14.61 22.20 -16.17
CM MRD L . 12.94 20.46 -16.41
C3 MRD L . 12.83 22.55 -17.76
C4 MRD L . 11.36 22.95 -17.77
O4 MRD L . 10.74 22.30 -18.86
C5 MRD L . 11.18 24.47 -17.90
#